data_8HLR
#
_entry.id   8HLR
#
_cell.length_a   48.814
_cell.length_b   92.746
_cell.length_c   164.026
_cell.angle_alpha   90.000
_cell.angle_beta   90.000
_cell.angle_gamma   90.000
#
_symmetry.space_group_name_H-M   'P 21 21 21'
#
loop_
_entity.id
_entity.type
_entity.pdbx_description
1 polymer 'Poly [ADP-ribose] polymerase 1, processed C-terminus'
2 non-polymer Fluzoparib
3 non-polymer 'SULFATE ION'
4 water water
#
_entity_poly.entity_id   1
_entity_poly.type   'polypeptide(L)'
_entity_poly.pdbx_seq_one_letter_code
;GPMTKSKLPKPVQDLIKMIFDVESMKKAMVEYEIDLQKMPLGKLSKRQIQAAYSILSEVQQAVSQGSSDSQILDLSNRFY
TLIPHDFGMKKPPLLNNADSVQAKAEMLDNLLDIEVAYSLLRGGSDDSSKDPIDVNYEKLKTDIKVVDRDSEEAEIIRKY
VKNTHATTHNAYDLEVIDIFKIEREGECQRYKPFKQLHNRRLLWHGSRTTNFAGILSQGLRIAPPEAPVTGYMFGKGIYF
ADMVSKSANYCHTSQGDPIGLILLGEVALGNMYELKHASHISKLPKGKHSVKGLGKTTPDPSANISLDGVDVPLGTGISS
GVNDTSLLYNEYIVYDIAQVNLKYLLKLKFNFKT
;
_entity_poly.pdbx_strand_id   A,B
#
# COMPACT_ATOMS: atom_id res chain seq x y z
N LYS A 5 37.94 -10.90 -36.29
CA LYS A 5 36.75 -10.12 -36.64
C LYS A 5 35.51 -11.01 -36.59
N SER A 6 34.47 -10.52 -35.92
CA SER A 6 33.31 -11.35 -35.59
C SER A 6 32.58 -11.83 -36.83
N LYS A 7 31.95 -12.99 -36.72
CA LYS A 7 31.10 -13.56 -37.74
C LYS A 7 29.62 -13.41 -37.43
N LEU A 8 29.28 -12.77 -36.31
CA LEU A 8 27.89 -12.59 -35.92
C LEU A 8 27.18 -11.65 -36.91
N PRO A 9 25.86 -11.73 -36.99
CA PRO A 9 25.11 -10.77 -37.80
C PRO A 9 25.31 -9.36 -37.29
N LYS A 10 25.25 -8.40 -38.22
CA LYS A 10 25.44 -7.00 -37.85
C LYS A 10 24.46 -6.53 -36.77
N PRO A 11 23.16 -6.87 -36.80
CA PRO A 11 22.29 -6.46 -35.68
C PRO A 11 22.75 -6.99 -34.33
N VAL A 12 23.19 -8.24 -34.27
CA VAL A 12 23.65 -8.81 -33.00
C VAL A 12 24.88 -8.07 -32.50
N GLN A 13 25.79 -7.70 -33.41
CA GLN A 13 26.98 -6.98 -33.01
C GLN A 13 26.65 -5.59 -32.50
N ASP A 14 25.71 -4.89 -33.17
CA ASP A 14 25.30 -3.58 -32.71
C ASP A 14 24.54 -3.67 -31.38
N LEU A 15 23.87 -4.79 -31.13
CA LEU A 15 23.21 -4.98 -29.84
C LEU A 15 24.23 -5.16 -28.73
N ILE A 16 25.25 -5.98 -28.97
CA ILE A 16 26.31 -6.18 -27.97
C ILE A 16 27.06 -4.89 -27.73
N LYS A 17 27.27 -4.10 -28.79
CA LYS A 17 28.07 -2.88 -28.67
C LYS A 17 27.47 -1.91 -27.65
N MET A 18 26.15 -1.77 -27.64
CA MET A 18 25.49 -0.86 -26.72
C MET A 18 25.11 -1.52 -25.41
N ILE A 19 24.98 -2.85 -25.38
CA ILE A 19 24.68 -3.55 -24.13
C ILE A 19 25.82 -3.36 -23.14
N PHE A 20 27.06 -3.33 -23.64
CA PHE A 20 28.26 -3.24 -22.82
C PHE A 20 28.96 -1.89 -22.95
N ASP A 21 28.19 -0.83 -23.23
CA ASP A 21 28.77 0.50 -23.39
C ASP A 21 29.12 1.06 -22.01
N VAL A 22 30.41 1.18 -21.73
CA VAL A 22 30.85 1.72 -20.45
C VAL A 22 30.42 3.17 -20.30
N GLU A 23 30.54 3.95 -21.38
CA GLU A 23 30.15 5.35 -21.34
C GLU A 23 28.67 5.51 -21.03
N SER A 24 27.84 4.58 -21.50
CA SER A 24 26.43 4.62 -21.14
C SER A 24 26.21 4.27 -19.67
N MET A 25 27.06 3.41 -19.11
CA MET A 25 26.96 3.11 -17.69
C MET A 25 27.38 4.31 -16.85
N LYS A 26 28.47 4.99 -17.24
CA LYS A 26 28.89 6.19 -16.53
C LYS A 26 27.83 7.29 -16.63
N LYS A 27 27.18 7.41 -17.78
CA LYS A 27 26.17 8.44 -17.97
C LYS A 27 24.93 8.16 -17.12
N ALA A 28 24.56 6.89 -16.98
CA ALA A 28 23.39 6.55 -16.16
C ALA A 28 23.63 6.87 -14.70
N MET A 29 24.86 6.68 -14.21
CA MET A 29 25.18 7.05 -12.84
C MET A 29 25.18 8.56 -12.66
N VAL A 30 25.71 9.29 -13.65
CA VAL A 30 25.64 10.74 -13.62
C VAL A 30 24.20 11.22 -13.58
N GLU A 31 23.32 10.53 -14.33
CA GLU A 31 21.90 10.85 -14.32
C GLU A 31 21.32 10.80 -12.92
N TYR A 32 21.91 9.99 -12.03
CA TYR A 32 21.45 9.84 -10.66
C TYR A 32 22.21 10.73 -9.68
N GLU A 33 22.96 11.71 -10.18
CA GLU A 33 23.75 12.63 -9.36
C GLU A 33 24.78 11.89 -8.52
N ILE A 34 25.21 10.72 -8.96
CA ILE A 34 26.23 9.95 -8.25
C ILE A 34 27.59 10.58 -8.48
N ASP A 35 28.37 10.70 -7.42
CA ASP A 35 29.74 11.21 -7.51
C ASP A 35 30.62 10.11 -8.09
N LEU A 36 30.94 10.23 -9.38
CA LEU A 36 31.77 9.22 -10.04
C LEU A 36 33.23 9.26 -9.59
N GLN A 37 33.64 10.29 -8.84
CA GLN A 37 35.00 10.32 -8.31
C GLN A 37 35.09 9.58 -6.97
N LYS A 38 34.20 9.91 -6.02
CA LYS A 38 34.16 9.20 -4.76
C LYS A 38 33.47 7.84 -4.89
N MET A 39 32.66 7.65 -5.93
CA MET A 39 32.02 6.37 -6.23
C MET A 39 32.29 6.06 -7.70
N PRO A 40 33.49 5.57 -8.02
CA PRO A 40 33.77 5.19 -9.41
C PRO A 40 33.00 3.95 -9.83
N LEU A 41 32.85 3.80 -11.14
CA LEU A 41 32.17 2.62 -11.68
C LEU A 41 32.92 1.34 -11.33
N GLY A 42 34.24 1.42 -11.18
CA GLY A 42 35.01 0.24 -10.81
C GLY A 42 34.82 -0.17 -9.36
N LYS A 43 34.36 0.74 -8.51
CA LYS A 43 34.17 0.45 -7.08
C LYS A 43 32.72 0.15 -6.75
N LEU A 44 31.88 -0.09 -7.74
CA LEU A 44 30.52 -0.57 -7.48
C LEU A 44 30.57 -1.97 -6.87
N SER A 45 29.67 -2.24 -5.94
CA SER A 45 29.73 -3.49 -5.21
C SER A 45 28.34 -3.86 -4.68
N LYS A 46 28.03 -5.16 -4.68
CA LYS A 46 26.77 -5.63 -4.13
C LYS A 46 26.68 -5.36 -2.64
N ARG A 47 27.81 -5.49 -1.92
CA ARG A 47 27.83 -5.22 -0.50
C ARG A 47 27.46 -3.77 -0.20
N GLN A 48 27.99 -2.84 -0.97
CA GLN A 48 27.68 -1.42 -0.77
C GLN A 48 26.23 -1.11 -1.14
N ILE A 49 25.75 -1.67 -2.25
CA ILE A 49 24.38 -1.41 -2.68
C ILE A 49 23.38 -2.00 -1.70
N GLN A 50 23.65 -3.21 -1.20
CA GLN A 50 22.74 -3.84 -0.26
C GLN A 50 22.63 -3.04 1.03
N ALA A 51 23.75 -2.46 1.48
CA ALA A 51 23.70 -1.63 2.68
C ALA A 51 22.87 -0.38 2.44
N ALA A 52 22.94 0.19 1.24
CA ALA A 52 22.13 1.35 0.91
C ALA A 52 20.64 1.01 0.89
N TYR A 53 20.30 -0.15 0.32
CA TYR A 53 18.94 -0.66 0.42
C TYR A 53 18.48 -0.72 1.87
N SER A 54 19.38 -1.15 2.75
CA SER A 54 19.04 -1.32 4.17
C SER A 54 18.77 0.03 4.83
N ILE A 55 19.61 1.03 4.57
CA ILE A 55 19.37 2.35 5.14
C ILE A 55 18.16 3.00 4.50
N LEU A 56 17.92 2.74 3.21
CA LEU A 56 16.69 3.23 2.59
C LEU A 56 15.46 2.62 3.24
N SER A 57 15.58 1.41 3.78
CA SER A 57 14.48 0.82 4.54
C SER A 57 14.33 1.47 5.90
N GLU A 58 15.42 1.99 6.46
CA GLU A 58 15.32 2.75 7.70
C GLU A 58 14.48 4.00 7.51
N VAL A 59 14.72 4.73 6.42
CA VAL A 59 13.91 5.91 6.11
C VAL A 59 12.47 5.55 5.80
N GLN A 60 12.21 4.29 5.43
CA GLN A 60 10.85 3.87 5.09
C GLN A 60 9.93 3.95 6.29
N GLN A 61 10.29 3.27 7.39
CA GLN A 61 9.42 3.26 8.56
C GLN A 61 9.29 4.64 9.18
N ALA A 62 10.40 5.38 9.26
CA ALA A 62 10.35 6.71 9.86
C ALA A 62 9.46 7.64 9.05
N VAL A 63 9.46 7.49 7.72
CA VAL A 63 8.51 8.25 6.89
C VAL A 63 7.10 7.67 7.06
N SER A 64 7.00 6.35 7.22
CA SER A 64 5.70 5.70 7.34
C SER A 64 4.97 6.15 8.60
N GLN A 65 5.60 5.98 9.76
CA GLN A 65 4.99 6.32 11.04
C GLN A 65 5.36 7.72 11.52
N GLY A 66 5.60 8.64 10.60
CA GLY A 66 5.77 10.05 10.91
C GLY A 66 6.81 10.39 11.95
N SER A 67 8.05 10.54 11.53
CA SER A 67 9.13 10.95 12.42
C SER A 67 9.36 12.45 12.30
N SER A 68 9.93 13.04 13.35
CA SER A 68 10.22 14.46 13.35
C SER A 68 11.23 14.79 12.26
N ASP A 69 11.16 16.02 11.75
CA ASP A 69 11.95 16.39 10.58
C ASP A 69 13.45 16.30 10.83
N SER A 70 13.89 16.28 12.09
CA SER A 70 15.29 16.11 12.41
C SER A 70 15.67 14.67 12.70
N GLN A 71 14.69 13.81 13.00
CA GLN A 71 14.98 12.38 13.11
C GLN A 71 15.27 11.78 11.74
N ILE A 72 14.60 12.28 10.69
CA ILE A 72 14.87 11.84 9.33
C ILE A 72 16.27 12.28 8.89
N LEU A 73 16.75 13.41 9.41
CA LEU A 73 18.01 13.99 8.95
C LEU A 73 19.17 12.99 9.09
N ASP A 74 19.25 12.29 10.22
CA ASP A 74 20.33 11.32 10.40
C ASP A 74 20.20 10.15 9.43
N LEU A 75 18.97 9.67 9.22
CA LEU A 75 18.76 8.54 8.32
C LEU A 75 19.00 8.95 6.87
N SER A 76 18.59 10.17 6.51
CA SER A 76 18.83 10.65 5.15
C SER A 76 20.32 10.85 4.90
N ASN A 77 21.00 11.56 5.82
CA ASN A 77 22.45 11.71 5.71
C ASN A 77 23.14 10.36 5.72
N ARG A 78 22.57 9.38 6.42
CA ARG A 78 23.15 8.04 6.45
C ARG A 78 23.21 7.42 5.06
N PHE A 79 22.16 7.64 4.25
CA PHE A 79 22.13 7.03 2.92
C PHE A 79 23.18 7.64 2.00
N TYR A 80 23.36 8.96 2.07
CA TYR A 80 24.35 9.61 1.22
C TYR A 80 25.78 9.23 1.62
N THR A 81 26.00 8.81 2.87
CA THR A 81 27.31 8.30 3.26
C THR A 81 27.67 7.06 2.46
N LEU A 82 26.71 6.15 2.26
CA LEU A 82 26.98 4.91 1.57
C LEU A 82 27.05 5.11 0.05
N ILE A 83 26.10 5.84 -0.50
CA ILE A 83 26.10 6.15 -1.93
C ILE A 83 26.50 7.62 -2.10
N PRO A 84 27.75 7.89 -2.46
CA PRO A 84 28.20 9.29 -2.56
C PRO A 84 27.56 9.99 -3.73
N HIS A 85 26.93 11.13 -3.47
CA HIS A 85 26.37 12.00 -4.48
C HIS A 85 27.25 13.23 -4.64
N ASP A 86 27.09 13.91 -5.78
CA ASP A 86 27.86 15.10 -6.09
C ASP A 86 26.98 16.32 -5.86
N PHE A 87 27.19 16.99 -4.73
CA PHE A 87 26.51 18.24 -4.42
C PHE A 87 27.50 19.32 -4.00
N GLY A 88 28.78 19.14 -4.27
CA GLY A 88 29.80 20.08 -3.87
C GLY A 88 29.93 20.26 -2.37
N MET A 89 29.74 21.50 -1.92
CA MET A 89 29.88 21.82 -0.50
C MET A 89 28.56 22.27 0.13
N LYS A 90 27.43 21.88 -0.46
CA LYS A 90 26.12 22.13 0.14
C LYS A 90 25.50 20.81 0.56
N LYS A 91 24.49 20.89 1.43
CA LYS A 91 23.85 19.69 1.93
C LYS A 91 23.08 18.98 0.83
N PRO A 92 23.16 17.66 0.72
CA PRO A 92 22.26 16.94 -0.18
C PRO A 92 20.82 17.11 0.25
N PRO A 93 19.85 16.89 -0.64
CA PRO A 93 18.44 17.12 -0.26
C PRO A 93 17.94 16.06 0.71
N LEU A 94 16.90 16.41 1.45
CA LEU A 94 16.34 15.54 2.46
C LEU A 94 15.44 14.49 1.83
N LEU A 95 15.56 13.25 2.33
CA LEU A 95 14.69 12.16 1.92
C LEU A 95 13.56 12.01 2.94
N ASN A 96 12.68 13.02 2.95
CA ASN A 96 11.67 13.16 3.99
C ASN A 96 10.31 12.56 3.60
N ASN A 97 10.14 12.08 2.38
CA ASN A 97 8.84 11.61 1.91
C ASN A 97 9.01 10.33 1.12
N ALA A 98 7.88 9.69 0.82
CA ALA A 98 7.90 8.38 0.19
C ALA A 98 8.25 8.43 -1.28
N ASP A 99 8.11 9.58 -1.94
CA ASP A 99 8.52 9.69 -3.33
C ASP A 99 10.04 9.74 -3.48
N SER A 100 10.73 10.37 -2.53
CA SER A 100 12.18 10.46 -2.58
C SER A 100 12.87 9.16 -2.20
N VAL A 101 12.17 8.25 -1.53
CA VAL A 101 12.78 6.97 -1.16
C VAL A 101 12.63 5.92 -2.27
N GLN A 102 11.59 6.03 -3.09
CA GLN A 102 11.45 5.11 -4.22
C GLN A 102 12.28 5.55 -5.42
N ALA A 103 12.59 6.85 -5.52
CA ALA A 103 13.50 7.30 -6.57
C ALA A 103 14.93 6.86 -6.31
N LYS A 104 15.32 6.77 -5.03
CA LYS A 104 16.65 6.28 -4.69
C LYS A 104 16.71 4.75 -4.68
N ALA A 105 15.56 4.08 -4.53
CA ALA A 105 15.53 2.63 -4.68
C ALA A 105 15.55 2.21 -6.15
N GLU A 106 14.93 3.02 -7.02
CA GLU A 106 15.03 2.76 -8.45
C GLU A 106 16.46 2.88 -8.94
N MET A 107 17.22 3.82 -8.36
CA MET A 107 18.62 3.95 -8.72
C MET A 107 19.41 2.72 -8.29
N LEU A 108 19.17 2.22 -7.08
CA LEU A 108 19.87 1.04 -6.61
C LEU A 108 19.53 -0.18 -7.46
N ASP A 109 18.29 -0.27 -7.95
CA ASP A 109 17.92 -1.36 -8.85
C ASP A 109 18.79 -1.34 -10.10
N ASN A 110 19.05 -0.16 -10.65
CA ASN A 110 19.86 -0.05 -11.85
C ASN A 110 21.36 -0.17 -11.53
N LEU A 111 21.79 0.32 -10.37
CA LEU A 111 23.17 0.17 -9.98
C LEU A 111 23.54 -1.31 -9.83
N LEU A 112 22.61 -2.12 -9.35
CA LEU A 112 22.85 -3.55 -9.23
C LEU A 112 23.03 -4.20 -10.60
N ASP A 113 22.20 -3.80 -11.57
CA ASP A 113 22.33 -4.36 -12.92
C ASP A 113 23.52 -3.77 -13.66
N ILE A 114 23.91 -2.53 -13.33
CA ILE A 114 25.12 -1.96 -13.92
C ILE A 114 26.36 -2.64 -13.35
N GLU A 115 26.33 -2.98 -12.07
CA GLU A 115 27.46 -3.68 -11.45
C GLU A 115 27.72 -5.01 -12.15
N VAL A 116 26.65 -5.74 -12.49
CA VAL A 116 26.82 -7.02 -13.17
C VAL A 116 27.48 -6.82 -14.53
N ALA A 117 27.07 -5.78 -15.25
CA ALA A 117 27.63 -5.51 -16.57
C ALA A 117 29.13 -5.26 -16.49
N TYR A 118 29.54 -4.36 -15.59
CA TYR A 118 30.96 -4.06 -15.43
C TYR A 118 31.72 -5.24 -14.88
N SER A 119 31.08 -6.06 -14.03
CA SER A 119 31.75 -7.24 -13.48
C SER A 119 32.12 -8.23 -14.56
N LEU A 120 31.27 -8.36 -15.59
CA LEU A 120 31.60 -9.24 -16.71
C LEU A 120 32.76 -8.68 -17.53
N LEU A 121 32.79 -7.36 -17.72
CA LEU A 121 33.83 -6.75 -18.55
C LEU A 121 35.21 -6.88 -17.91
N ARG A 122 35.30 -6.73 -16.58
CA ARG A 122 36.59 -6.79 -15.91
C ARG A 122 36.99 -8.20 -15.52
N GLY A 123 36.04 -9.10 -15.33
CA GLY A 123 36.36 -10.49 -15.09
C GLY A 123 36.82 -11.19 -16.36
N GLY A 124 37.15 -12.46 -16.21
CA GLY A 124 37.56 -13.24 -17.36
C GLY A 124 38.89 -12.80 -17.96
N SER A 125 39.14 -13.33 -19.15
CA SER A 125 40.40 -13.13 -19.85
C SER A 125 40.23 -12.18 -21.02
N ASP A 126 41.36 -11.70 -21.54
CA ASP A 126 41.38 -10.92 -22.75
C ASP A 126 42.35 -11.55 -23.76
N ASP A 127 42.01 -11.43 -25.03
CA ASP A 127 42.79 -12.04 -26.12
C ASP A 127 42.76 -11.05 -27.28
N SER A 128 43.88 -10.34 -27.49
CA SER A 128 43.93 -9.31 -28.50
C SER A 128 43.66 -9.82 -29.90
N SER A 129 43.81 -11.13 -30.13
CA SER A 129 43.47 -11.71 -31.42
C SER A 129 41.98 -11.93 -31.61
N LYS A 130 41.19 -11.81 -30.55
CA LYS A 130 39.76 -12.09 -30.59
C LYS A 130 38.95 -10.79 -30.59
N ASP A 131 37.81 -10.84 -31.27
CA ASP A 131 36.94 -9.67 -31.36
C ASP A 131 36.33 -9.38 -29.99
N PRO A 132 36.40 -8.13 -29.51
CA PRO A 132 35.71 -7.81 -28.25
C PRO A 132 34.22 -8.07 -28.30
N ILE A 133 33.58 -7.88 -29.46
CA ILE A 133 32.16 -8.18 -29.58
C ILE A 133 31.91 -9.68 -29.37
N ASP A 134 32.76 -10.52 -29.98
CA ASP A 134 32.61 -11.96 -29.79
C ASP A 134 32.87 -12.38 -28.35
N VAL A 135 33.78 -11.69 -27.67
CA VAL A 135 34.09 -12.03 -26.28
C VAL A 135 32.92 -11.65 -25.36
N ASN A 136 32.42 -10.42 -25.52
CA ASN A 136 31.33 -9.97 -24.66
C ASN A 136 30.03 -10.71 -24.96
N TYR A 137 29.84 -11.15 -26.21
CA TYR A 137 28.65 -11.94 -26.53
C TYR A 137 28.63 -13.25 -25.77
N GLU A 138 29.80 -13.87 -25.60
CA GLU A 138 29.88 -15.15 -24.90
C GLU A 138 29.62 -15.02 -23.40
N LYS A 139 29.81 -13.82 -22.84
CA LYS A 139 29.58 -13.64 -21.41
C LYS A 139 28.11 -13.60 -21.05
N LEU A 140 27.23 -13.34 -22.02
CA LEU A 140 25.80 -13.28 -21.74
C LEU A 140 25.20 -14.67 -21.52
N LYS A 141 25.88 -15.73 -21.96
CA LYS A 141 25.35 -17.09 -21.89
C LYS A 141 23.93 -17.15 -22.48
N THR A 142 23.74 -16.47 -23.61
CA THR A 142 22.44 -16.35 -24.24
C THR A 142 22.60 -16.48 -25.75
N ASP A 143 21.84 -17.38 -26.35
CA ASP A 143 21.82 -17.51 -27.80
C ASP A 143 20.91 -16.45 -28.38
N ILE A 144 21.48 -15.57 -29.22
CA ILE A 144 20.75 -14.46 -29.81
C ILE A 144 20.72 -14.64 -31.32
N LYS A 145 19.52 -14.82 -31.86
CA LYS A 145 19.32 -14.96 -33.30
C LYS A 145 18.47 -13.82 -33.81
N VAL A 146 18.72 -13.42 -35.06
CA VAL A 146 17.96 -12.35 -35.70
C VAL A 146 16.71 -12.96 -36.32
N VAL A 147 15.54 -12.49 -35.88
CA VAL A 147 14.29 -12.95 -36.46
C VAL A 147 14.10 -12.35 -37.85
N ASP A 148 13.70 -13.20 -38.80
CA ASP A 148 13.50 -12.74 -40.17
C ASP A 148 12.32 -11.77 -40.24
N ARG A 149 12.55 -10.61 -40.88
CA ARG A 149 11.47 -9.67 -41.11
C ARG A 149 10.35 -10.31 -41.91
N ASP A 150 10.68 -11.22 -42.82
CA ASP A 150 9.71 -11.88 -43.68
C ASP A 150 8.99 -13.05 -43.00
N SER A 151 9.33 -13.35 -41.75
CA SER A 151 8.84 -14.55 -41.09
C SER A 151 7.47 -14.30 -40.45
N GLU A 152 6.90 -15.37 -39.89
CA GLU A 152 5.61 -15.29 -39.23
C GLU A 152 5.72 -14.76 -37.81
N GLU A 153 6.85 -15.00 -37.14
CA GLU A 153 7.07 -14.42 -35.83
C GLU A 153 7.08 -12.89 -35.90
N ALA A 154 7.71 -12.34 -36.93
CA ALA A 154 7.83 -10.89 -37.06
C ALA A 154 6.49 -10.24 -37.34
N GLU A 155 5.61 -10.91 -38.08
CA GLU A 155 4.30 -10.34 -38.37
C GLU A 155 3.45 -10.24 -37.11
N ILE A 156 3.45 -11.30 -36.29
CA ILE A 156 2.68 -11.28 -35.05
C ILE A 156 3.25 -10.24 -34.09
N ILE A 157 4.58 -10.13 -34.04
CA ILE A 157 5.21 -9.22 -33.09
C ILE A 157 5.01 -7.77 -33.52
N ARG A 158 5.12 -7.49 -34.82
CA ARG A 158 4.88 -6.14 -35.30
C ARG A 158 3.44 -5.71 -35.04
N LYS A 159 2.50 -6.65 -35.15
CA LYS A 159 1.10 -6.35 -34.84
C LYS A 159 0.91 -6.07 -33.35
N TYR A 160 1.66 -6.79 -32.51
CA TYR A 160 1.64 -6.51 -31.07
C TYR A 160 2.08 -5.08 -30.79
N VAL A 161 3.18 -4.65 -31.41
CA VAL A 161 3.63 -3.26 -31.23
C VAL A 161 2.63 -2.29 -31.83
N LYS A 162 2.05 -2.65 -32.98
CA LYS A 162 1.19 -1.72 -33.70
C LYS A 162 -0.12 -1.46 -32.94
N ASN A 163 -0.65 -2.49 -32.28
CA ASN A 163 -2.00 -2.42 -31.73
C ASN A 163 -2.06 -1.97 -30.28
N THR A 164 -0.98 -2.14 -29.51
CA THR A 164 -1.02 -1.92 -28.07
C THR A 164 -0.29 -0.65 -27.64
N HIS A 165 -0.26 0.35 -28.50
CA HIS A 165 0.28 1.66 -28.14
C HIS A 165 -0.85 2.52 -27.60
N ALA A 166 -0.77 2.88 -26.33
CA ALA A 166 -1.84 3.58 -25.65
C ALA A 166 -1.95 5.03 -26.14
N THR A 167 -3.18 5.54 -26.16
CA THR A 167 -3.40 6.94 -26.55
C THR A 167 -2.78 7.90 -25.55
N THR A 168 -2.81 7.52 -24.27
CA THR A 168 -2.18 8.35 -23.23
C THR A 168 -0.71 8.57 -23.51
N HIS A 169 -0.03 7.62 -24.14
CA HIS A 169 1.38 7.73 -24.48
C HIS A 169 1.57 8.07 -25.95
N ASN A 170 0.93 9.13 -26.43
CA ASN A 170 0.99 9.51 -27.83
C ASN A 170 2.05 10.57 -28.11
N ALA A 171 2.91 10.89 -27.13
CA ALA A 171 4.01 11.81 -27.38
C ALA A 171 5.09 11.18 -28.26
N TYR A 172 5.00 9.89 -28.55
CA TYR A 172 5.94 9.22 -29.43
C TYR A 172 5.23 8.05 -30.09
N ASP A 173 5.88 7.49 -31.10
CA ASP A 173 5.46 6.23 -31.70
C ASP A 173 6.67 5.33 -31.88
N LEU A 174 6.41 4.04 -32.04
CA LEU A 174 7.45 3.03 -32.01
C LEU A 174 7.68 2.46 -33.40
N GLU A 175 8.95 2.36 -33.80
CA GLU A 175 9.36 1.76 -35.05
C GLU A 175 10.28 0.59 -34.74
N VAL A 176 9.84 -0.61 -35.10
CA VAL A 176 10.62 -1.81 -34.83
C VAL A 176 11.84 -1.84 -35.76
N ILE A 177 13.03 -1.83 -35.17
CA ILE A 177 14.26 -1.88 -35.94
C ILE A 177 14.75 -3.31 -36.12
N ASP A 178 14.87 -4.06 -35.02
CA ASP A 178 15.35 -5.43 -35.06
C ASP A 178 14.56 -6.26 -34.07
N ILE A 179 14.34 -7.53 -34.43
CA ILE A 179 13.70 -8.50 -33.56
C ILE A 179 14.70 -9.64 -33.34
N PHE A 180 14.91 -10.01 -32.06
CA PHE A 180 15.85 -11.04 -31.69
C PHE A 180 15.12 -12.17 -30.99
N LYS A 181 15.40 -13.41 -31.42
CA LYS A 181 14.97 -14.59 -30.69
C LYS A 181 16.09 -14.97 -29.73
N ILE A 182 15.81 -14.87 -28.43
CA ILE A 182 16.83 -15.07 -27.39
C ILE A 182 16.51 -16.33 -26.59
N GLU A 183 17.55 -17.03 -26.18
CA GLU A 183 17.43 -18.26 -25.39
C GLU A 183 18.51 -18.24 -24.32
N ARG A 184 18.11 -18.01 -23.08
CA ARG A 184 19.05 -17.95 -21.98
C ARG A 184 19.48 -19.36 -21.55
N GLU A 185 20.76 -19.50 -21.22
CA GLU A 185 21.30 -20.80 -20.82
C GLU A 185 20.60 -21.28 -19.56
N GLY A 186 20.04 -22.49 -19.62
CA GLY A 186 19.39 -23.11 -18.49
C GLY A 186 18.05 -22.54 -18.10
N GLU A 187 17.52 -21.57 -18.86
CA GLU A 187 16.23 -20.99 -18.49
C GLU A 187 15.09 -21.95 -18.76
N CYS A 188 15.12 -22.67 -19.89
CA CYS A 188 14.08 -23.64 -20.17
C CYS A 188 14.08 -24.76 -19.14
N GLN A 189 15.24 -25.10 -18.59
CA GLN A 189 15.30 -25.96 -17.42
C GLN A 189 14.43 -25.40 -16.30
N ARG A 190 14.64 -24.13 -15.96
CA ARG A 190 13.96 -23.50 -14.84
C ARG A 190 12.45 -23.40 -15.05
N TYR A 191 12.00 -23.31 -16.29
CA TYR A 191 10.61 -23.08 -16.63
C TYR A 191 9.80 -24.37 -16.72
N LYS A 192 10.39 -25.52 -16.35
CA LYS A 192 9.70 -26.79 -16.59
C LYS A 192 8.43 -26.95 -15.76
N PRO A 193 8.41 -26.66 -14.45
CA PRO A 193 7.16 -26.85 -13.69
C PRO A 193 5.99 -26.04 -14.22
N PHE A 194 6.24 -24.87 -14.80
CA PHE A 194 5.18 -24.02 -15.33
C PHE A 194 5.08 -24.11 -16.85
N LYS A 195 5.74 -25.09 -17.47
CA LYS A 195 5.83 -25.14 -18.93
C LYS A 195 4.45 -25.27 -19.57
N GLN A 196 3.56 -26.08 -18.97
CA GLN A 196 2.24 -26.33 -19.52
C GLN A 196 1.13 -25.79 -18.61
N LEU A 197 1.44 -24.78 -17.81
CA LEU A 197 0.42 -24.18 -16.97
C LEU A 197 -0.60 -23.44 -17.81
N HIS A 198 -1.75 -23.15 -17.21
CA HIS A 198 -2.76 -22.35 -17.87
C HIS A 198 -2.46 -20.86 -17.66
N ASN A 199 -3.04 -20.04 -18.54
CA ASN A 199 -2.83 -18.59 -18.53
C ASN A 199 -1.35 -18.24 -18.72
N ARG A 200 -0.80 -18.72 -19.84
CA ARG A 200 0.54 -18.36 -20.27
C ARG A 200 0.43 -17.30 -21.35
N ARG A 201 1.02 -16.13 -21.11
CA ARG A 201 0.87 -14.99 -21.98
C ARG A 201 2.22 -14.39 -22.34
N LEU A 202 2.30 -13.84 -23.54
CA LEU A 202 3.47 -13.13 -24.02
C LEU A 202 3.32 -11.66 -23.67
N LEU A 203 4.12 -11.18 -22.73
CA LEU A 203 3.97 -9.84 -22.20
C LEU A 203 5.25 -9.04 -22.35
N TRP A 204 5.12 -7.72 -22.25
CA TRP A 204 6.23 -6.79 -22.44
C TRP A 204 6.97 -6.55 -21.13
N HIS A 205 8.24 -6.18 -21.24
CA HIS A 205 9.01 -5.68 -20.10
C HIS A 205 10.07 -4.73 -20.63
N GLY A 206 9.95 -3.45 -20.30
CA GLY A 206 10.89 -2.44 -20.72
C GLY A 206 11.85 -2.05 -19.61
N SER A 207 13.06 -1.68 -20.02
CA SER A 207 14.08 -1.27 -19.06
C SER A 207 15.12 -0.44 -19.79
N ARG A 208 15.97 0.24 -19.02
CA ARG A 208 17.04 1.01 -19.59
C ARG A 208 18.05 0.09 -20.29
N THR A 209 18.75 0.65 -21.29
CA THR A 209 19.74 -0.14 -22.02
C THR A 209 20.83 -0.66 -21.10
N THR A 210 21.22 0.15 -20.12
CA THR A 210 22.26 -0.24 -19.15
C THR A 210 21.80 -1.34 -18.20
N ASN A 211 20.58 -1.85 -18.34
CA ASN A 211 20.09 -2.95 -17.52
C ASN A 211 20.19 -4.30 -18.21
N PHE A 212 20.35 -4.33 -19.54
CA PHE A 212 20.14 -5.55 -20.29
C PHE A 212 21.33 -6.51 -20.25
N ALA A 213 22.54 -6.01 -19.98
CA ALA A 213 23.66 -6.93 -19.80
C ALA A 213 23.46 -7.80 -18.56
N GLY A 214 22.72 -7.30 -17.57
CA GLY A 214 22.40 -8.06 -16.38
C GLY A 214 21.18 -8.94 -16.55
N ILE A 215 20.21 -8.47 -17.36
CA ILE A 215 19.01 -9.25 -17.60
C ILE A 215 19.32 -10.49 -18.42
N LEU A 216 20.10 -10.33 -19.49
CA LEU A 216 20.40 -11.48 -20.33
C LEU A 216 21.37 -12.45 -19.66
N SER A 217 22.10 -12.01 -18.63
CA SER A 217 23.06 -12.86 -17.95
C SER A 217 22.46 -13.57 -16.75
N GLN A 218 21.76 -12.83 -15.88
CA GLN A 218 21.18 -13.42 -14.68
C GLN A 218 19.67 -13.61 -14.77
N GLY A 219 19.01 -13.04 -15.77
CA GLY A 219 17.57 -13.12 -15.89
C GLY A 219 16.88 -11.95 -15.20
N LEU A 220 15.59 -11.82 -15.49
CA LEU A 220 14.74 -10.87 -14.78
C LEU A 220 14.64 -11.30 -13.32
N ARG A 221 15.25 -10.55 -12.42
CA ARG A 221 15.35 -10.92 -11.03
C ARG A 221 14.33 -10.16 -10.18
N ILE A 222 14.28 -10.52 -8.90
CA ILE A 222 13.44 -9.85 -7.91
C ILE A 222 14.35 -9.15 -6.93
N ALA A 223 13.94 -7.95 -6.48
CA ALA A 223 14.73 -7.11 -5.58
C ALA A 223 15.22 -7.90 -4.37
N PRO A 224 16.40 -7.59 -3.86
CA PRO A 224 16.94 -8.32 -2.69
C PRO A 224 16.08 -8.07 -1.46
N PRO A 225 16.28 -8.84 -0.40
CA PRO A 225 15.47 -8.63 0.82
C PRO A 225 15.63 -7.25 1.42
N GLU A 226 16.79 -6.61 1.26
CA GLU A 226 17.03 -5.30 1.85
C GLU A 226 16.27 -4.18 1.17
N ALA A 227 15.73 -4.41 -0.02
CA ALA A 227 15.02 -3.35 -0.72
C ALA A 227 13.68 -3.07 -0.04
N PRO A 228 13.28 -1.80 0.05
CA PRO A 228 11.99 -1.46 0.67
C PRO A 228 10.83 -1.92 -0.21
N VAL A 229 10.02 -2.84 0.33
CA VAL A 229 8.85 -3.32 -0.40
C VAL A 229 7.84 -2.20 -0.63
N THR A 230 7.86 -1.17 0.21
CA THR A 230 6.93 -0.05 0.08
C THR A 230 7.07 0.66 -1.27
N GLY A 231 8.23 0.58 -1.91
CA GLY A 231 8.43 1.29 -3.16
C GLY A 231 7.68 0.67 -4.33
N TYR A 232 7.55 -0.65 -4.33
CA TYR A 232 6.88 -1.36 -5.42
C TYR A 232 5.38 -1.43 -5.15
N MET A 233 4.58 -1.18 -6.20
CA MET A 233 3.14 -1.04 -6.04
C MET A 233 2.51 -2.34 -5.54
N PHE A 234 2.86 -3.46 -6.18
CA PHE A 234 2.29 -4.76 -5.84
C PHE A 234 3.32 -5.69 -5.20
N GLY A 235 4.33 -5.12 -4.55
CA GLY A 235 5.33 -5.91 -3.88
C GLY A 235 6.52 -6.24 -4.77
N LYS A 236 7.41 -7.07 -4.23
CA LYS A 236 8.67 -7.41 -4.89
C LYS A 236 8.43 -8.60 -5.81
N GLY A 237 8.22 -8.32 -7.09
CA GLY A 237 8.05 -9.34 -8.11
C GLY A 237 8.47 -8.78 -9.45
N ILE A 238 8.35 -9.60 -10.48
CA ILE A 238 8.70 -9.20 -11.84
C ILE A 238 7.45 -8.66 -12.53
N TYR A 239 7.51 -7.42 -13.02
CA TYR A 239 6.35 -6.72 -13.54
C TYR A 239 6.33 -6.78 -15.06
N PHE A 240 5.13 -6.98 -15.62
CA PHE A 240 4.95 -7.04 -17.07
C PHE A 240 3.72 -6.22 -17.44
N ALA A 241 3.52 -6.06 -18.75
CA ALA A 241 2.38 -5.31 -19.27
C ALA A 241 1.95 -5.94 -20.58
N ASP A 242 0.71 -5.63 -20.98
CA ASP A 242 0.21 -6.05 -22.28
C ASP A 242 0.14 -4.92 -23.29
N MET A 243 0.37 -3.67 -22.87
CA MET A 243 0.49 -2.54 -23.76
C MET A 243 1.97 -2.24 -23.99
N VAL A 244 2.36 -2.10 -25.26
CA VAL A 244 3.77 -1.91 -25.56
C VAL A 244 4.25 -0.54 -25.08
N SER A 245 3.39 0.48 -25.13
CA SER A 245 3.80 1.82 -24.74
C SER A 245 4.04 1.91 -23.24
N LYS A 246 3.29 1.14 -22.44
CA LYS A 246 3.48 1.15 -20.99
C LYS A 246 4.87 0.64 -20.63
N SER A 247 5.33 -0.43 -21.30
CA SER A 247 6.65 -0.96 -21.03
C SER A 247 7.75 -0.11 -21.66
N ALA A 248 7.48 0.45 -22.84
CA ALA A 248 8.46 1.29 -23.51
C ALA A 248 8.79 2.55 -22.71
N ASN A 249 7.87 3.00 -21.84
CA ASN A 249 8.15 4.17 -21.01
C ASN A 249 9.35 3.94 -20.11
N TYR A 250 9.55 2.71 -19.64
CA TYR A 250 10.64 2.41 -18.72
C TYR A 250 11.98 2.22 -19.43
N CYS A 251 12.00 2.27 -20.77
CA CYS A 251 13.27 2.37 -21.48
C CYS A 251 13.97 3.69 -21.18
N HIS A 252 13.19 4.72 -20.83
CA HIS A 252 13.71 6.04 -20.49
C HIS A 252 14.56 6.60 -21.63
N THR A 253 14.01 6.53 -22.84
CA THR A 253 14.64 7.13 -24.00
C THR A 253 14.26 8.61 -24.07
N SER A 254 14.90 9.33 -24.99
CA SER A 254 14.69 10.77 -25.12
C SER A 254 15.06 11.18 -26.54
N GLN A 255 15.04 12.49 -26.79
CA GLN A 255 15.44 13.00 -28.10
C GLN A 255 16.93 12.79 -28.34
N GLY A 256 17.74 12.98 -27.31
CA GLY A 256 19.15 12.71 -27.37
C GLY A 256 19.54 11.27 -27.13
N ASP A 257 18.57 10.37 -27.07
CA ASP A 257 18.81 8.95 -26.84
C ASP A 257 17.59 8.16 -27.30
N PRO A 258 17.26 8.17 -28.60
CA PRO A 258 15.97 7.63 -29.04
C PRO A 258 15.94 6.13 -29.27
N ILE A 259 17.03 5.41 -28.99
CA ILE A 259 17.07 3.96 -29.20
C ILE A 259 16.87 3.27 -27.87
N GLY A 260 15.87 2.38 -27.80
CA GLY A 260 15.59 1.64 -26.58
C GLY A 260 15.42 0.16 -26.87
N LEU A 261 15.28 -0.61 -25.80
CA LEU A 261 15.16 -2.06 -25.88
C LEU A 261 14.02 -2.54 -25.01
N ILE A 262 13.30 -3.55 -25.49
CA ILE A 262 12.14 -4.11 -24.80
C ILE A 262 12.16 -5.62 -24.94
N LEU A 263 11.53 -6.30 -23.99
CA LEU A 263 11.51 -7.75 -23.94
C LEU A 263 10.11 -8.27 -24.17
N LEU A 264 10.03 -9.47 -24.75
CA LEU A 264 8.79 -10.25 -24.84
C LEU A 264 9.05 -11.60 -24.19
N GLY A 265 8.44 -11.82 -23.03
CA GLY A 265 8.66 -13.04 -22.27
C GLY A 265 7.37 -13.82 -22.09
N GLU A 266 7.52 -15.14 -21.96
CA GLU A 266 6.40 -16.01 -21.66
C GLU A 266 6.24 -16.09 -20.14
N VAL A 267 5.13 -15.58 -19.63
CA VAL A 267 4.87 -15.51 -18.20
C VAL A 267 3.74 -16.47 -17.87
N ALA A 268 3.99 -17.37 -16.92
CA ALA A 268 2.97 -18.31 -16.44
C ALA A 268 2.16 -17.61 -15.36
N LEU A 269 1.03 -17.01 -15.77
CA LEU A 269 0.19 -16.28 -14.83
C LEU A 269 -0.64 -17.23 -13.97
N GLY A 270 -1.25 -18.24 -14.59
CA GLY A 270 -2.07 -19.18 -13.84
C GLY A 270 -3.30 -18.51 -13.27
N ASN A 271 -3.60 -18.82 -12.01
CA ASN A 271 -4.73 -18.24 -11.31
C ASN A 271 -4.30 -16.88 -10.76
N MET A 272 -4.73 -15.81 -11.44
CA MET A 272 -4.27 -14.47 -11.11
C MET A 272 -5.07 -13.86 -9.97
N TYR A 273 -4.38 -13.35 -8.96
CA TYR A 273 -4.99 -12.60 -7.88
C TYR A 273 -5.15 -11.15 -8.34
N GLU A 274 -6.36 -10.80 -8.75
CA GLU A 274 -6.61 -9.50 -9.38
C GLU A 274 -6.81 -8.42 -8.32
N LEU A 275 -6.18 -7.27 -8.55
CA LEU A 275 -6.23 -6.16 -7.61
C LEU A 275 -6.45 -4.86 -8.37
N LYS A 276 -6.89 -3.83 -7.63
CA LYS A 276 -7.19 -2.53 -8.20
C LYS A 276 -6.40 -1.38 -7.58
N HIS A 277 -5.77 -1.59 -6.43
CA HIS A 277 -4.99 -0.55 -5.77
C HIS A 277 -3.71 -1.17 -5.22
N ALA A 278 -2.86 -0.33 -4.65
CA ALA A 278 -1.56 -0.80 -4.16
C ALA A 278 -1.72 -1.88 -3.11
N SER A 279 -0.79 -2.84 -3.12
CA SER A 279 -0.79 -3.93 -2.16
C SER A 279 0.61 -4.49 -1.98
N HIS A 280 1.43 -3.81 -1.18
CA HIS A 280 2.82 -4.22 -0.97
C HIS A 280 2.89 -5.58 -0.29
N ILE A 281 2.49 -6.63 -1.01
CA ILE A 281 2.43 -7.97 -0.43
C ILE A 281 3.81 -8.62 -0.48
N SER A 282 4.00 -9.61 0.38
CA SER A 282 5.23 -10.40 0.44
C SER A 282 5.03 -11.81 -0.08
N LYS A 283 3.97 -12.48 0.35
CA LYS A 283 3.58 -13.79 -0.14
C LYS A 283 2.32 -13.65 -0.99
N LEU A 284 1.88 -14.76 -1.56
CA LEU A 284 0.65 -14.79 -2.31
C LEU A 284 -0.42 -15.57 -1.55
N PRO A 285 -1.69 -15.19 -1.67
CA PRO A 285 -2.76 -16.04 -1.15
C PRO A 285 -2.71 -17.42 -1.77
N LYS A 286 -3.04 -18.44 -0.98
CA LYS A 286 -2.90 -19.82 -1.43
C LYS A 286 -3.74 -20.08 -2.67
N GLY A 287 -3.14 -20.76 -3.65
CA GLY A 287 -3.79 -21.05 -4.91
C GLY A 287 -3.51 -20.05 -6.02
N LYS A 288 -2.87 -18.92 -5.70
CA LYS A 288 -2.56 -17.90 -6.69
C LYS A 288 -1.13 -18.06 -7.17
N HIS A 289 -0.92 -17.91 -8.48
CA HIS A 289 0.40 -17.95 -9.07
C HIS A 289 0.93 -16.59 -9.48
N SER A 290 0.08 -15.57 -9.57
CA SER A 290 0.49 -14.27 -10.06
C SER A 290 -0.51 -13.23 -9.57
N VAL A 291 -0.15 -11.96 -9.77
CA VAL A 291 -1.01 -10.82 -9.45
C VAL A 291 -1.23 -10.04 -10.73
N LYS A 292 -2.50 -9.71 -11.01
CA LYS A 292 -2.84 -8.85 -12.13
C LYS A 292 -3.42 -7.54 -11.61
N GLY A 293 -2.79 -6.43 -11.98
CA GLY A 293 -3.34 -5.12 -11.68
C GLY A 293 -4.36 -4.71 -12.72
N LEU A 294 -5.63 -4.60 -12.31
CA LEU A 294 -6.69 -4.32 -13.26
C LEU A 294 -6.60 -2.87 -13.74
N GLY A 295 -6.59 -2.70 -15.06
CA GLY A 295 -6.50 -1.37 -15.64
C GLY A 295 -7.80 -0.90 -16.24
N LYS A 296 -7.92 0.42 -16.47
CA LYS A 296 -9.12 0.97 -17.08
C LYS A 296 -9.30 0.48 -18.51
N THR A 297 -8.21 0.25 -19.23
CA THR A 297 -8.23 -0.21 -20.61
C THR A 297 -7.53 -1.56 -20.70
N THR A 298 -8.10 -2.46 -21.50
CA THR A 298 -7.53 -3.78 -21.73
C THR A 298 -7.54 -4.09 -23.22
N PRO A 299 -6.58 -4.87 -23.71
CA PRO A 299 -6.65 -5.34 -25.10
C PRO A 299 -7.87 -6.23 -25.32
N ASP A 300 -8.35 -6.24 -26.57
CA ASP A 300 -9.55 -6.98 -26.94
C ASP A 300 -9.38 -8.47 -26.69
N PRO A 301 -10.14 -9.05 -25.75
CA PRO A 301 -9.97 -10.48 -25.45
C PRO A 301 -10.39 -11.40 -26.58
N SER A 302 -11.18 -10.93 -27.53
CA SER A 302 -11.57 -11.73 -28.69
C SER A 302 -10.55 -11.69 -29.81
N ALA A 303 -9.56 -10.79 -29.73
CA ALA A 303 -8.51 -10.70 -30.73
C ALA A 303 -7.25 -11.45 -30.32
N ASN A 304 -7.32 -12.25 -29.26
CA ASN A 304 -6.17 -13.05 -28.84
C ASN A 304 -5.84 -14.09 -29.89
N ILE A 305 -4.55 -14.22 -30.22
CA ILE A 305 -4.05 -15.26 -31.10
C ILE A 305 -2.89 -15.96 -30.42
N SER A 306 -2.53 -17.13 -30.93
CA SER A 306 -1.54 -17.98 -30.31
C SER A 306 -0.26 -18.00 -31.15
N LEU A 307 0.88 -17.81 -30.48
CA LEU A 307 2.20 -17.93 -31.10
C LEU A 307 2.94 -19.03 -30.37
N ASP A 308 3.15 -20.16 -31.05
CA ASP A 308 3.82 -21.32 -30.48
C ASP A 308 3.16 -21.77 -29.17
N GLY A 309 1.83 -21.76 -29.17
CA GLY A 309 1.07 -22.20 -28.01
C GLY A 309 0.91 -21.19 -26.90
N VAL A 310 1.46 -19.98 -27.06
CA VAL A 310 1.36 -18.93 -26.05
C VAL A 310 0.40 -17.87 -26.55
N ASP A 311 -0.45 -17.38 -25.65
CA ASP A 311 -1.46 -16.39 -26.01
C ASP A 311 -0.83 -15.01 -26.11
N VAL A 312 -1.08 -14.32 -27.22
CA VAL A 312 -0.59 -12.97 -27.46
C VAL A 312 -1.78 -12.01 -27.38
N PRO A 313 -1.85 -11.16 -26.36
CA PRO A 313 -2.96 -10.19 -26.25
C PRO A 313 -2.71 -8.93 -27.08
N LEU A 314 -2.64 -9.10 -28.40
CA LEU A 314 -2.38 -8.00 -29.32
C LEU A 314 -3.65 -7.32 -29.80
N GLY A 315 -4.76 -7.49 -29.09
CA GLY A 315 -5.98 -6.83 -29.49
C GLY A 315 -5.96 -5.34 -29.24
N THR A 316 -6.80 -4.62 -29.97
CA THR A 316 -6.92 -3.18 -29.79
C THR A 316 -7.40 -2.85 -28.37
N GLY A 317 -7.04 -1.66 -27.89
CA GLY A 317 -7.38 -1.26 -26.53
C GLY A 317 -8.84 -0.87 -26.42
N ILE A 318 -9.53 -1.46 -25.44
CA ILE A 318 -10.94 -1.19 -25.19
C ILE A 318 -11.16 -1.10 -23.68
N SER A 319 -12.36 -0.67 -23.31
CA SER A 319 -12.68 -0.49 -21.90
C SER A 319 -12.83 -1.84 -21.20
N SER A 320 -12.29 -1.92 -19.99
CA SER A 320 -12.31 -3.16 -19.22
C SER A 320 -13.54 -3.31 -18.35
N GLY A 321 -14.36 -2.26 -18.21
CA GLY A 321 -15.52 -2.33 -17.34
C GLY A 321 -15.18 -2.46 -15.87
N VAL A 322 -14.09 -1.83 -15.43
CA VAL A 322 -13.65 -1.87 -14.04
C VAL A 322 -13.65 -0.45 -13.51
N ASN A 323 -14.38 -0.21 -12.43
CA ASN A 323 -14.54 1.12 -11.86
C ASN A 323 -13.66 1.29 -10.63
N ASP A 324 -13.22 2.52 -10.41
CA ASP A 324 -12.44 2.90 -9.23
C ASP A 324 -11.15 2.10 -9.13
N THR A 325 -10.41 2.05 -10.25
CA THR A 325 -9.10 1.43 -10.29
C THR A 325 -8.03 2.51 -10.40
N SER A 326 -6.88 2.24 -9.79
CA SER A 326 -5.75 3.16 -9.81
C SER A 326 -4.84 2.96 -11.02
N LEU A 327 -5.23 2.10 -11.96
CA LEU A 327 -4.40 1.77 -13.11
C LEU A 327 -5.17 2.06 -14.39
N LEU A 328 -4.50 2.73 -15.34
CA LEU A 328 -5.09 2.93 -16.66
C LEU A 328 -4.96 1.69 -17.52
N TYR A 329 -3.93 0.88 -17.29
CA TYR A 329 -3.66 -0.30 -18.10
C TYR A 329 -3.24 -1.43 -17.19
N ASN A 330 -3.22 -2.65 -17.75
CA ASN A 330 -2.99 -3.84 -16.94
C ASN A 330 -1.53 -3.96 -16.52
N GLU A 331 -1.32 -4.62 -15.39
CA GLU A 331 0.00 -5.03 -14.93
C GLU A 331 -0.06 -6.49 -14.54
N TYR A 332 1.07 -7.18 -14.71
CA TYR A 332 1.18 -8.58 -14.36
C TYR A 332 2.45 -8.78 -13.55
N ILE A 333 2.32 -9.41 -12.38
CA ILE A 333 3.43 -9.57 -11.46
C ILE A 333 3.49 -11.04 -11.02
N VAL A 334 4.64 -11.67 -11.22
CA VAL A 334 4.92 -12.98 -10.67
C VAL A 334 6.04 -12.84 -9.64
N TYR A 335 6.05 -13.74 -8.67
CA TYR A 335 6.96 -13.64 -7.54
C TYR A 335 7.95 -14.81 -7.49
N ASP A 336 7.97 -15.64 -8.52
CA ASP A 336 8.99 -16.67 -8.68
C ASP A 336 9.66 -16.45 -10.03
N ILE A 337 11.00 -16.31 -10.02
CA ILE A 337 11.72 -16.04 -11.25
C ILE A 337 11.70 -17.21 -12.22
N ALA A 338 11.24 -18.39 -11.78
CA ALA A 338 11.15 -19.54 -12.67
C ALA A 338 9.91 -19.51 -13.55
N GLN A 339 9.01 -18.55 -13.36
CA GLN A 339 7.80 -18.42 -14.17
C GLN A 339 7.99 -17.54 -15.39
N VAL A 340 9.23 -17.11 -15.67
CA VAL A 340 9.53 -16.25 -16.80
C VAL A 340 10.48 -16.99 -17.73
N ASN A 341 10.09 -17.09 -19.00
CA ASN A 341 10.94 -17.63 -20.05
C ASN A 341 11.06 -16.56 -21.14
N LEU A 342 12.18 -15.84 -21.14
CA LEU A 342 12.37 -14.76 -22.10
C LEU A 342 12.46 -15.32 -23.50
N LYS A 343 11.67 -14.75 -24.41
CA LYS A 343 11.54 -15.25 -25.78
C LYS A 343 12.08 -14.30 -26.83
N TYR A 344 11.84 -13.00 -26.71
CA TYR A 344 12.19 -12.07 -27.75
C TYR A 344 12.76 -10.79 -27.16
N LEU A 345 13.59 -10.11 -27.96
CA LEU A 345 14.19 -8.84 -27.61
C LEU A 345 14.09 -7.92 -28.82
N LEU A 346 13.51 -6.73 -28.62
CA LEU A 346 13.22 -5.82 -29.72
C LEU A 346 14.03 -4.54 -29.57
N LYS A 347 14.56 -4.06 -30.70
CA LYS A 347 15.26 -2.78 -30.77
C LYS A 347 14.28 -1.74 -31.30
N LEU A 348 13.90 -0.79 -30.44
CA LEU A 348 12.86 0.18 -30.76
C LEU A 348 13.46 1.55 -31.02
N LYS A 349 12.94 2.21 -32.05
CA LYS A 349 13.29 3.61 -32.36
C LYS A 349 12.13 4.48 -31.90
N PHE A 350 12.37 5.31 -30.90
CA PHE A 350 11.35 6.22 -30.39
C PHE A 350 11.33 7.48 -31.23
N ASN A 351 10.23 7.72 -31.93
CA ASN A 351 10.05 8.94 -32.73
C ASN A 351 9.19 9.90 -31.91
N PHE A 352 9.86 10.80 -31.19
CA PHE A 352 9.18 11.75 -30.33
C PHE A 352 8.57 12.87 -31.15
N LYS A 353 7.28 13.12 -30.96
CA LYS A 353 6.63 14.29 -31.50
C LYS A 353 6.67 15.48 -30.54
N THR A 354 7.30 15.31 -29.39
CA THR A 354 7.45 16.39 -28.41
C THR A 354 8.46 17.43 -28.91
N LYS B 5 -37.49 11.85 36.92
CA LYS B 5 -36.07 11.72 37.20
C LYS B 5 -35.57 10.31 36.92
N SER B 6 -34.35 10.21 36.39
CA SER B 6 -33.81 8.91 36.00
C SER B 6 -33.57 8.03 37.22
N LYS B 7 -33.98 6.77 37.11
CA LYS B 7 -33.61 5.74 38.07
C LYS B 7 -32.42 4.92 37.59
N LEU B 8 -31.83 5.30 36.45
CA LEU B 8 -30.67 4.59 35.93
C LEU B 8 -29.49 4.72 36.89
N PRO B 9 -28.61 3.72 36.93
CA PRO B 9 -27.44 3.81 37.81
C PRO B 9 -26.59 5.04 37.49
N LYS B 10 -25.88 5.52 38.51
CA LYS B 10 -25.08 6.73 38.35
C LYS B 10 -23.99 6.60 37.29
N PRO B 11 -23.20 5.51 37.22
CA PRO B 11 -22.22 5.41 36.13
C PRO B 11 -22.86 5.44 34.75
N VAL B 12 -23.99 4.75 34.58
CA VAL B 12 -24.68 4.78 33.30
C VAL B 12 -25.10 6.21 32.96
N GLN B 13 -25.72 6.89 33.92
CA GLN B 13 -26.16 8.28 33.69
C GLN B 13 -25.00 9.17 33.29
N ASP B 14 -23.84 9.01 33.95
CA ASP B 14 -22.66 9.77 33.57
C ASP B 14 -22.20 9.41 32.16
N LEU B 15 -22.36 8.15 31.76
CA LEU B 15 -21.99 7.74 30.41
C LEU B 15 -22.90 8.39 29.37
N ILE B 16 -24.21 8.45 29.63
CA ILE B 16 -25.12 9.10 28.69
C ILE B 16 -24.80 10.58 28.57
N LYS B 17 -24.58 11.25 29.71
CA LYS B 17 -24.27 12.68 29.69
C LYS B 17 -22.98 12.95 28.93
N MET B 18 -22.00 12.07 29.06
CA MET B 18 -20.71 12.27 28.39
C MET B 18 -20.76 11.87 26.92
N ILE B 19 -21.70 11.03 26.51
CA ILE B 19 -21.78 10.59 25.13
C ILE B 19 -22.50 11.63 24.27
N PHE B 20 -23.55 12.24 24.80
CA PHE B 20 -24.38 13.20 24.07
C PHE B 20 -24.00 14.65 24.34
N ASP B 21 -22.74 14.90 24.71
CA ASP B 21 -22.30 16.25 25.05
C ASP B 21 -22.17 17.08 23.77
N VAL B 22 -23.05 18.09 23.62
CA VAL B 22 -23.04 18.91 22.42
C VAL B 22 -21.77 19.76 22.36
N GLU B 23 -21.32 20.27 23.51
CA GLU B 23 -20.10 21.06 23.52
C GLU B 23 -18.90 20.24 23.04
N SER B 24 -18.81 18.99 23.49
CA SER B 24 -17.71 18.13 23.05
C SER B 24 -17.72 17.92 21.54
N MET B 25 -18.90 17.96 20.93
CA MET B 25 -18.97 17.88 19.47
C MET B 25 -18.38 19.11 18.81
N LYS B 26 -18.56 20.28 19.43
CA LYS B 26 -18.01 21.51 18.88
C LYS B 26 -16.51 21.61 19.12
N LYS B 27 -16.04 21.24 20.33
CA LYS B 27 -14.61 21.30 20.60
C LYS B 27 -13.84 20.34 19.70
N ALA B 28 -14.46 19.22 19.31
CA ALA B 28 -13.82 18.32 18.36
C ALA B 28 -13.68 18.96 16.98
N MET B 29 -14.64 19.80 16.59
CA MET B 29 -14.54 20.47 15.30
C MET B 29 -13.48 21.56 15.32
N VAL B 30 -13.37 22.28 16.42
CA VAL B 30 -12.30 23.28 16.56
C VAL B 30 -10.94 22.58 16.61
N GLU B 31 -10.89 21.34 17.09
CA GLU B 31 -9.66 20.57 17.02
C GLU B 31 -9.22 20.38 15.58
N TYR B 32 -10.16 20.21 14.66
CA TYR B 32 -9.87 20.11 13.23
C TYR B 32 -9.78 21.47 12.55
N GLU B 33 -9.77 22.55 13.33
CA GLU B 33 -9.68 23.92 12.80
C GLU B 33 -10.77 24.20 11.77
N ILE B 34 -11.98 23.77 12.07
CA ILE B 34 -13.15 23.98 11.21
C ILE B 34 -13.83 25.28 11.63
N ASP B 35 -14.20 26.09 10.66
CA ASP B 35 -14.85 27.37 10.92
C ASP B 35 -16.27 27.12 11.40
N LEU B 36 -16.47 27.10 12.72
CA LEU B 36 -17.80 26.93 13.29
C LEU B 36 -18.70 28.12 13.02
N GLN B 37 -18.16 29.24 12.55
CA GLN B 37 -18.96 30.40 12.15
C GLN B 37 -19.45 30.26 10.73
N LYS B 38 -18.57 29.87 9.80
CA LYS B 38 -18.97 29.68 8.42
C LYS B 38 -19.93 28.49 8.29
N MET B 39 -19.60 27.38 8.94
CA MET B 39 -20.46 26.20 8.95
C MET B 39 -20.54 25.69 10.38
N PRO B 40 -21.65 25.92 11.07
CA PRO B 40 -21.79 25.49 12.46
C PRO B 40 -22.20 24.02 12.53
N LEU B 41 -22.47 23.57 13.75
CA LEU B 41 -22.81 22.17 13.98
C LEU B 41 -24.17 21.84 13.38
N GLY B 42 -25.13 22.77 13.44
CA GLY B 42 -26.44 22.52 12.90
C GLY B 42 -26.49 22.43 11.39
N LYS B 43 -25.50 23.00 10.71
CA LYS B 43 -25.44 22.99 9.25
C LYS B 43 -24.53 21.89 8.70
N LEU B 44 -24.07 20.98 9.55
CA LEU B 44 -23.21 19.87 9.13
C LEU B 44 -24.09 18.78 8.53
N SER B 45 -24.12 18.69 7.21
CA SER B 45 -24.97 17.75 6.50
C SER B 45 -24.24 16.44 6.26
N LYS B 46 -25.02 15.37 6.04
CA LYS B 46 -24.44 14.05 5.80
C LYS B 46 -23.87 13.95 4.40
N ARG B 47 -24.62 14.38 3.39
CA ARG B 47 -24.14 14.31 2.02
C ARG B 47 -23.03 15.32 1.74
N GLN B 48 -22.89 16.34 2.60
CA GLN B 48 -21.76 17.24 2.48
C GLN B 48 -20.45 16.51 2.74
N ILE B 49 -20.45 15.61 3.72
CA ILE B 49 -19.25 14.82 4.03
C ILE B 49 -18.98 13.81 2.92
N GLN B 50 -20.04 13.21 2.37
CA GLN B 50 -19.86 12.25 1.29
C GLN B 50 -19.31 12.92 0.03
N ALA B 51 -19.61 14.20 -0.18
CA ALA B 51 -19.04 14.92 -1.30
C ALA B 51 -17.56 15.22 -1.07
N ALA B 52 -17.19 15.53 0.18
CA ALA B 52 -15.78 15.69 0.52
C ALA B 52 -15.05 14.37 0.45
N TYR B 53 -15.74 13.27 0.73
CA TYR B 53 -15.16 11.94 0.52
C TYR B 53 -14.80 11.73 -0.94
N SER B 54 -15.66 12.20 -1.85
CA SER B 54 -15.41 12.01 -3.28
C SER B 54 -14.25 12.87 -3.75
N ILE B 55 -14.11 14.07 -3.20
CA ILE B 55 -12.95 14.91 -3.52
C ILE B 55 -11.66 14.19 -3.13
N LEU B 56 -11.67 13.54 -1.96
CA LEU B 56 -10.52 12.73 -1.56
C LEU B 56 -10.29 11.56 -2.51
N SER B 57 -11.38 10.98 -3.05
CA SER B 57 -11.23 9.91 -4.02
C SER B 57 -10.81 10.44 -5.38
N GLU B 58 -11.15 11.70 -5.70
CA GLU B 58 -10.65 12.32 -6.91
C GLU B 58 -9.17 12.63 -6.79
N VAL B 59 -8.72 13.04 -5.60
CA VAL B 59 -7.30 13.25 -5.37
C VAL B 59 -6.56 11.92 -5.42
N GLN B 60 -7.16 10.87 -4.86
CA GLN B 60 -6.52 9.54 -4.89
C GLN B 60 -6.31 9.07 -6.33
N GLN B 61 -7.28 9.32 -7.21
CA GLN B 61 -7.09 8.95 -8.61
C GLN B 61 -6.08 9.86 -9.29
N ALA B 62 -5.99 11.12 -8.88
CA ALA B 62 -5.06 12.05 -9.52
C ALA B 62 -3.61 11.68 -9.21
N VAL B 63 -3.32 11.28 -7.97
CA VAL B 63 -1.97 10.87 -7.63
C VAL B 63 -1.63 9.52 -8.28
N SER B 64 -2.66 8.71 -8.57
CA SER B 64 -2.41 7.40 -9.18
C SER B 64 -2.07 7.52 -10.65
N GLN B 65 -2.91 8.21 -11.42
CA GLN B 65 -2.69 8.37 -12.85
C GLN B 65 -1.64 9.44 -13.17
N GLY B 66 -0.83 9.84 -12.18
CA GLY B 66 0.24 10.78 -12.38
C GLY B 66 -0.17 12.05 -13.09
N SER B 67 -1.42 12.46 -12.89
CA SER B 67 -1.99 13.59 -13.62
C SER B 67 -1.34 14.89 -13.14
N SER B 68 -1.84 16.01 -13.64
CA SER B 68 -1.27 17.31 -13.30
C SER B 68 -1.49 17.60 -11.82
N ASP B 69 -0.42 18.04 -11.14
CA ASP B 69 -0.56 18.54 -9.79
C ASP B 69 -1.37 19.83 -9.74
N SER B 70 -1.59 20.47 -10.89
CA SER B 70 -2.47 21.64 -10.94
C SER B 70 -3.88 21.27 -10.50
N GLN B 71 -4.41 20.15 -11.00
CA GLN B 71 -5.73 19.71 -10.59
C GLN B 71 -5.77 19.34 -9.11
N ILE B 72 -4.67 18.80 -8.60
CA ILE B 72 -4.60 18.48 -7.17
C ILE B 72 -4.70 19.75 -6.34
N LEU B 73 -4.17 20.86 -6.84
CA LEU B 73 -4.34 22.14 -6.14
C LEU B 73 -5.79 22.59 -6.17
N ASP B 74 -6.47 22.40 -7.31
CA ASP B 74 -7.87 22.81 -7.41
C ASP B 74 -8.78 21.93 -6.58
N LEU B 75 -8.47 20.63 -6.49
CA LEU B 75 -9.27 19.73 -5.67
C LEU B 75 -9.08 20.01 -4.19
N SER B 76 -7.86 20.38 -3.80
CA SER B 76 -7.61 20.76 -2.41
C SER B 76 -8.37 22.03 -2.05
N ASN B 77 -8.27 23.06 -2.91
CA ASN B 77 -9.05 24.28 -2.70
C ASN B 77 -10.54 23.99 -2.71
N ARG B 78 -10.96 22.96 -3.45
CA ARG B 78 -12.35 22.55 -3.44
C ARG B 78 -12.74 21.97 -2.09
N PHE B 79 -11.83 21.22 -1.45
CA PHE B 79 -12.12 20.60 -0.16
C PHE B 79 -12.32 21.67 0.90
N TYR B 80 -11.44 22.67 0.94
CA TYR B 80 -11.54 23.71 1.96
C TYR B 80 -12.67 24.70 1.65
N THR B 81 -13.18 24.72 0.43
CA THR B 81 -14.41 25.46 0.15
C THR B 81 -15.62 24.66 0.60
N LEU B 82 -15.62 23.34 0.37
CA LEU B 82 -16.74 22.50 0.76
C LEU B 82 -16.86 22.40 2.27
N ILE B 83 -15.74 22.11 2.95
CA ILE B 83 -15.70 22.08 4.40
C ILE B 83 -15.00 23.35 4.88
N PRO B 84 -15.76 24.38 5.29
CA PRO B 84 -15.12 25.66 5.65
C PRO B 84 -14.21 25.51 6.87
N HIS B 85 -13.02 26.07 6.75
CA HIS B 85 -12.01 26.01 7.80
C HIS B 85 -11.62 27.43 8.21
N ASP B 86 -10.79 27.52 9.25
CA ASP B 86 -10.30 28.81 9.73
C ASP B 86 -8.92 28.58 10.36
N PHE B 87 -7.89 28.65 9.53
CA PHE B 87 -6.50 28.55 9.98
C PHE B 87 -5.90 29.90 10.33
N GLY B 88 -6.73 30.94 10.49
CA GLY B 88 -6.24 32.26 10.83
C GLY B 88 -5.43 32.92 9.73
N MET B 89 -4.12 32.98 9.92
CA MET B 89 -3.22 33.57 8.94
C MET B 89 -2.37 32.54 8.21
N LYS B 90 -2.33 31.30 8.69
CA LYS B 90 -1.49 30.28 8.10
C LYS B 90 -2.16 29.68 6.87
N LYS B 91 -1.37 28.98 6.06
CA LYS B 91 -2.14 28.48 4.93
C LYS B 91 -2.65 27.07 5.23
N PRO B 92 -3.85 26.73 4.78
CA PRO B 92 -4.39 25.40 5.02
C PRO B 92 -3.45 24.34 4.47
N PRO B 93 -3.38 23.17 5.13
CA PRO B 93 -2.48 22.11 4.66
C PRO B 93 -2.86 21.64 3.26
N LEU B 94 -1.86 21.62 2.38
CA LEU B 94 -2.10 21.22 1.00
C LEU B 94 -2.42 19.73 0.92
N LEU B 95 -3.40 19.38 0.09
CA LEU B 95 -3.89 18.01 -0.03
C LEU B 95 -3.33 17.41 -1.33
N ASN B 96 -2.11 16.89 -1.25
CA ASN B 96 -1.50 16.26 -2.40
C ASN B 96 -1.00 14.85 -2.07
N ASN B 97 -0.03 14.75 -1.17
CA ASN B 97 0.50 13.44 -0.81
C ASN B 97 -0.56 12.58 -0.14
N ALA B 98 -0.39 11.26 -0.26
CA ALA B 98 -1.36 10.33 0.31
C ALA B 98 -1.42 10.40 1.82
N ASP B 99 -0.40 10.96 2.47
CA ASP B 99 -0.41 11.08 3.92
C ASP B 99 -1.48 12.06 4.38
N SER B 100 -1.57 13.22 3.72
CA SER B 100 -2.60 14.19 4.08
C SER B 100 -3.99 13.72 3.69
N VAL B 101 -4.11 12.84 2.68
CA VAL B 101 -5.41 12.28 2.34
C VAL B 101 -5.91 11.37 3.44
N GLN B 102 -5.02 10.55 4.00
CA GLN B 102 -5.40 9.68 5.12
C GLN B 102 -5.82 10.50 6.32
N ALA B 103 -5.18 11.65 6.55
CA ALA B 103 -5.53 12.49 7.68
C ALA B 103 -6.92 13.10 7.50
N LYS B 104 -7.16 13.70 6.33
CA LYS B 104 -8.48 14.29 6.07
C LYS B 104 -9.57 13.24 5.99
N ALA B 105 -9.23 11.99 5.64
CA ALA B 105 -10.22 10.93 5.69
C ALA B 105 -10.66 10.66 7.12
N GLU B 106 -9.72 10.65 8.06
CA GLU B 106 -10.06 10.40 9.46
C GLU B 106 -10.97 11.50 10.01
N MET B 107 -10.74 12.74 9.59
CA MET B 107 -11.60 13.84 10.04
C MET B 107 -13.05 13.62 9.61
N LEU B 108 -13.25 13.03 8.42
CA LEU B 108 -14.60 12.86 7.90
C LEU B 108 -15.32 11.69 8.56
N ASP B 109 -14.60 10.60 8.87
CA ASP B 109 -15.23 9.50 9.60
C ASP B 109 -15.73 9.97 10.96
N ASN B 110 -15.02 10.91 11.58
CA ASN B 110 -15.46 11.44 12.86
C ASN B 110 -16.54 12.49 12.68
N LEU B 111 -16.44 13.29 11.61
CA LEU B 111 -17.51 14.22 11.28
C LEU B 111 -18.80 13.48 10.91
N LEU B 112 -18.66 12.30 10.31
CA LEU B 112 -19.84 11.50 9.99
C LEU B 112 -20.52 11.01 11.27
N ASP B 113 -19.74 10.65 12.29
CA ASP B 113 -20.32 10.17 13.54
C ASP B 113 -20.86 11.31 14.39
N ILE B 114 -20.26 12.50 14.30
CA ILE B 114 -20.82 13.67 14.97
C ILE B 114 -22.20 13.98 14.42
N GLU B 115 -22.35 13.92 13.09
CA GLU B 115 -23.64 14.18 12.47
C GLU B 115 -24.70 13.19 12.95
N VAL B 116 -24.32 11.92 13.09
CA VAL B 116 -25.27 10.91 13.55
C VAL B 116 -25.71 11.21 14.98
N ALA B 117 -24.77 11.63 15.83
CA ALA B 117 -25.11 11.93 17.22
C ALA B 117 -26.01 13.15 17.32
N TYR B 118 -25.66 14.23 16.61
CA TYR B 118 -26.51 15.42 16.63
C TYR B 118 -27.87 15.15 15.98
N SER B 119 -27.90 14.30 14.96
CA SER B 119 -29.18 13.91 14.36
C SER B 119 -30.01 13.08 15.32
N LEU B 120 -29.35 12.29 16.18
CA LEU B 120 -30.08 11.52 17.17
C LEU B 120 -30.61 12.41 18.29
N LEU B 121 -29.82 13.41 18.69
CA LEU B 121 -30.23 14.30 19.77
C LEU B 121 -31.51 15.05 19.41
N ARG B 122 -31.50 15.75 18.26
CA ARG B 122 -32.68 16.44 17.76
C ARG B 122 -33.33 15.49 16.74
N GLY B 123 -34.39 14.82 17.16
CA GLY B 123 -35.03 13.85 16.29
C GLY B 123 -35.99 12.97 17.07
N GLY B 124 -36.80 12.24 16.30
CA GLY B 124 -37.80 11.38 16.89
C GLY B 124 -38.90 12.19 17.56
N SER B 125 -39.38 11.68 18.69
CA SER B 125 -40.36 12.37 19.50
C SER B 125 -39.72 12.85 20.80
N ASP B 126 -40.35 13.84 21.43
CA ASP B 126 -39.93 14.29 22.74
C ASP B 126 -41.13 14.42 23.67
N ASP B 127 -40.87 14.22 24.95
CA ASP B 127 -41.85 14.40 26.02
C ASP B 127 -41.16 15.14 27.14
N SER B 128 -41.61 16.37 27.40
CA SER B 128 -40.97 17.21 28.41
C SER B 128 -41.19 16.73 29.83
N SER B 129 -41.89 15.61 30.03
CA SER B 129 -42.07 15.04 31.36
C SER B 129 -41.03 13.98 31.70
N LYS B 130 -40.17 13.62 30.76
CA LYS B 130 -39.15 12.60 30.97
C LYS B 130 -37.80 13.24 31.28
N ASP B 131 -36.91 12.44 31.83
CA ASP B 131 -35.52 12.87 32.02
C ASP B 131 -34.79 12.85 30.67
N PRO B 132 -34.10 13.93 30.31
CA PRO B 132 -33.26 13.87 29.10
C PRO B 132 -32.30 12.70 29.09
N ILE B 133 -31.82 12.27 30.27
CA ILE B 133 -30.96 11.09 30.35
C ILE B 133 -31.74 9.84 29.91
N ASP B 134 -33.00 9.73 30.33
CA ASP B 134 -33.82 8.59 29.93
C ASP B 134 -34.15 8.63 28.44
N VAL B 135 -34.42 9.83 27.91
CA VAL B 135 -34.76 9.95 26.50
C VAL B 135 -33.56 9.59 25.63
N ASN B 136 -32.39 10.15 25.95
CA ASN B 136 -31.19 9.87 25.16
C ASN B 136 -30.74 8.43 25.32
N TYR B 137 -30.99 7.82 26.48
CA TYR B 137 -30.66 6.41 26.65
C TYR B 137 -31.47 5.53 25.71
N GLU B 138 -32.76 5.84 25.55
CA GLU B 138 -33.61 5.03 24.68
C GLU B 138 -33.25 5.21 23.21
N LYS B 139 -32.67 6.35 22.85
CA LYS B 139 -32.24 6.55 21.47
C LYS B 139 -31.06 5.67 21.09
N LEU B 140 -30.30 5.19 22.08
CA LEU B 140 -29.15 4.35 21.78
C LEU B 140 -29.55 2.96 21.30
N LYS B 141 -30.77 2.51 21.61
CA LYS B 141 -31.22 1.16 21.32
C LYS B 141 -30.21 0.13 21.84
N THR B 142 -29.72 0.37 23.05
CA THR B 142 -28.68 -0.46 23.64
C THR B 142 -28.94 -0.62 25.13
N ASP B 143 -28.89 -1.86 25.61
CA ASP B 143 -29.01 -2.16 27.03
C ASP B 143 -27.63 -2.05 27.65
N ILE B 144 -27.45 -1.08 28.53
CA ILE B 144 -26.17 -0.82 29.19
C ILE B 144 -26.30 -1.22 30.66
N LYS B 145 -25.38 -2.04 31.13
CA LYS B 145 -25.36 -2.51 32.52
C LYS B 145 -23.96 -2.39 33.09
N VAL B 146 -23.87 -1.94 34.34
CA VAL B 146 -22.58 -1.83 35.01
C VAL B 146 -22.15 -3.22 35.46
N VAL B 147 -20.89 -3.55 35.22
CA VAL B 147 -20.31 -4.82 35.63
C VAL B 147 -19.79 -4.68 37.05
N ASP B 148 -20.06 -5.69 37.89
CA ASP B 148 -19.58 -5.67 39.26
C ASP B 148 -18.06 -5.59 39.28
N ARG B 149 -17.54 -4.65 40.07
CA ARG B 149 -16.09 -4.39 40.08
C ARG B 149 -15.31 -5.63 40.45
N ASP B 150 -15.84 -6.44 41.38
CA ASP B 150 -15.14 -7.60 41.89
C ASP B 150 -15.56 -8.90 41.20
N SER B 151 -16.34 -8.81 40.13
CA SER B 151 -16.74 -9.99 39.38
C SER B 151 -15.60 -10.49 38.51
N GLU B 152 -15.62 -11.80 38.22
CA GLU B 152 -14.58 -12.40 37.41
C GLU B 152 -14.49 -11.78 36.01
N GLU B 153 -15.58 -11.19 35.52
CA GLU B 153 -15.53 -10.46 34.26
C GLU B 153 -14.54 -9.31 34.35
N ALA B 154 -14.63 -8.51 35.42
CA ALA B 154 -13.79 -7.33 35.53
C ALA B 154 -12.35 -7.68 35.84
N GLU B 155 -12.10 -8.79 36.54
CA GLU B 155 -10.73 -9.20 36.81
C GLU B 155 -9.99 -9.55 35.52
N ILE B 156 -10.66 -10.25 34.61
CA ILE B 156 -10.06 -10.54 33.31
C ILE B 156 -9.88 -9.27 32.50
N ILE B 157 -10.84 -8.35 32.60
CA ILE B 157 -10.76 -7.10 31.85
C ILE B 157 -9.64 -6.23 32.41
N ARG B 158 -9.55 -6.12 33.74
CA ARG B 158 -8.51 -5.30 34.35
C ARG B 158 -7.12 -5.84 34.03
N LYS B 159 -6.99 -7.16 33.89
CA LYS B 159 -5.71 -7.75 33.51
C LYS B 159 -5.38 -7.45 32.05
N TYR B 160 -6.40 -7.37 31.19
CA TYR B 160 -6.19 -7.05 29.79
C TYR B 160 -5.59 -5.67 29.62
N VAL B 161 -6.00 -4.71 30.44
CA VAL B 161 -5.52 -3.34 30.33
C VAL B 161 -4.13 -3.20 30.94
N LYS B 162 -3.93 -3.80 32.13
CA LYS B 162 -2.67 -3.64 32.84
C LYS B 162 -1.51 -4.29 32.11
N ASN B 163 -1.76 -5.41 31.42
CA ASN B 163 -0.66 -6.16 30.81
C ASN B 163 -0.23 -5.56 29.48
N THR B 164 -1.19 -5.19 28.62
CA THR B 164 -0.90 -4.85 27.23
C THR B 164 -0.76 -3.36 27.00
N HIS B 165 -0.14 -2.63 27.92
CA HIS B 165 0.18 -1.21 27.72
C HIS B 165 1.61 -1.10 27.21
N ALA B 166 1.76 -0.79 25.93
CA ALA B 166 3.07 -0.78 25.30
C ALA B 166 3.95 0.34 25.87
N THR B 167 5.25 0.06 25.94
CA THR B 167 6.21 1.04 26.46
C THR B 167 6.32 2.26 25.55
N THR B 168 6.12 2.07 24.24
CA THR B 168 6.20 3.18 23.30
C THR B 168 5.20 4.28 23.67
N HIS B 169 4.01 3.89 24.12
CA HIS B 169 2.96 4.85 24.47
C HIS B 169 3.06 5.22 25.95
N ASN B 170 4.16 5.89 26.28
CA ASN B 170 4.45 6.31 27.64
C ASN B 170 3.94 7.71 27.96
N ALA B 171 3.24 8.34 27.02
CA ALA B 171 2.70 9.69 27.26
C ALA B 171 1.60 9.69 28.31
N TYR B 172 1.14 8.52 28.76
CA TYR B 172 0.07 8.44 29.75
C TYR B 172 0.14 7.06 30.41
N ASP B 173 -0.78 6.82 31.33
CA ASP B 173 -1.08 5.49 31.83
C ASP B 173 -2.57 5.41 32.11
N LEU B 174 -3.11 4.19 32.03
CA LEU B 174 -4.55 3.98 32.01
C LEU B 174 -5.07 3.56 33.38
N GLU B 175 -6.24 4.08 33.74
CA GLU B 175 -6.94 3.72 34.97
C GLU B 175 -8.40 3.43 34.61
N VAL B 176 -8.84 2.22 34.94
CA VAL B 176 -10.20 1.78 34.59
C VAL B 176 -11.18 2.40 35.59
N ILE B 177 -12.06 3.26 35.10
CA ILE B 177 -13.05 3.91 35.96
C ILE B 177 -14.30 3.04 36.04
N ASP B 178 -14.97 2.84 34.91
CA ASP B 178 -16.17 2.03 34.83
C ASP B 178 -16.00 0.93 33.79
N ILE B 179 -16.81 -0.12 33.93
CA ILE B 179 -16.84 -1.25 33.01
C ILE B 179 -18.30 -1.58 32.77
N PHE B 180 -18.83 -1.17 31.63
CA PHE B 180 -20.21 -1.43 31.26
C PHE B 180 -20.29 -2.63 30.34
N LYS B 181 -21.33 -3.43 30.51
CA LYS B 181 -21.66 -4.52 29.60
C LYS B 181 -22.80 -4.04 28.69
N ILE B 182 -22.51 -3.94 27.39
CA ILE B 182 -23.46 -3.39 26.44
C ILE B 182 -24.09 -4.51 25.63
N GLU B 183 -25.23 -4.21 25.04
CA GLU B 183 -25.97 -5.18 24.22
C GLU B 183 -26.81 -4.39 23.22
N ARG B 184 -26.34 -4.31 21.98
CA ARG B 184 -27.05 -3.55 20.96
C ARG B 184 -28.30 -4.30 20.52
N GLU B 185 -29.38 -3.56 20.28
CA GLU B 185 -30.64 -4.14 19.86
C GLU B 185 -30.51 -4.74 18.47
N GLY B 186 -30.78 -6.03 18.34
CA GLY B 186 -30.74 -6.70 17.06
C GLY B 186 -29.37 -7.18 16.62
N GLU B 187 -28.29 -6.73 17.28
CA GLU B 187 -26.95 -7.13 16.86
C GLU B 187 -26.72 -8.62 17.07
N CYS B 188 -27.29 -9.19 18.13
CA CYS B 188 -27.12 -10.61 18.38
C CYS B 188 -27.81 -11.46 17.33
N GLN B 189 -28.92 -10.97 16.77
CA GLN B 189 -29.57 -11.66 15.66
C GLN B 189 -28.66 -11.71 14.45
N ARG B 190 -27.88 -10.66 14.23
CA ARG B 190 -27.08 -10.51 13.01
C ARG B 190 -25.70 -11.17 13.13
N TYR B 191 -25.15 -11.27 14.34
CA TYR B 191 -23.88 -11.95 14.56
C TYR B 191 -24.05 -13.47 14.67
N LYS B 192 -25.29 -13.95 14.75
CA LYS B 192 -25.53 -15.39 14.94
C LYS B 192 -24.87 -16.28 13.90
N PRO B 193 -24.85 -15.95 12.59
CA PRO B 193 -24.21 -16.86 11.63
C PRO B 193 -22.74 -17.12 11.90
N PHE B 194 -21.94 -16.07 12.05
CA PHE B 194 -20.50 -16.17 12.26
C PHE B 194 -20.13 -16.62 13.67
N LYS B 195 -21.05 -17.27 14.40
CA LYS B 195 -20.82 -17.57 15.81
C LYS B 195 -19.89 -18.76 15.99
N GLN B 196 -20.24 -19.91 15.40
CA GLN B 196 -19.41 -21.10 15.55
C GLN B 196 -18.17 -21.08 14.65
N LEU B 197 -18.06 -20.08 13.77
CA LEU B 197 -16.85 -19.91 12.98
C LEU B 197 -15.65 -19.70 13.90
N HIS B 198 -14.59 -20.46 13.66
CA HIS B 198 -13.47 -20.54 14.59
C HIS B 198 -12.70 -19.21 14.64
N ASN B 199 -11.79 -19.14 15.61
CA ASN B 199 -10.86 -18.01 15.79
C ASN B 199 -11.62 -16.72 16.12
N ARG B 200 -12.30 -16.73 17.25
CA ARG B 200 -12.98 -15.55 17.78
C ARG B 200 -12.17 -14.99 18.95
N ARG B 201 -11.72 -13.75 18.82
CA ARG B 201 -10.95 -13.10 19.86
C ARG B 201 -11.68 -11.85 20.35
N LEU B 202 -11.41 -11.49 21.60
CA LEU B 202 -11.95 -10.28 22.20
C LEU B 202 -10.90 -9.18 22.06
N LEU B 203 -11.20 -8.17 21.25
CA LEU B 203 -10.21 -7.18 20.84
C LEU B 203 -10.67 -5.78 21.19
N TRP B 204 -9.71 -4.86 21.16
CA TRP B 204 -9.94 -3.45 21.50
C TRP B 204 -10.38 -2.67 20.27
N HIS B 205 -11.36 -1.79 20.45
CA HIS B 205 -11.67 -0.74 19.47
C HIS B 205 -11.82 0.57 20.22
N GLY B 206 -10.83 1.43 20.10
CA GLY B 206 -10.86 2.75 20.71
C GLY B 206 -11.34 3.80 19.72
N SER B 207 -12.00 4.82 20.24
CA SER B 207 -12.50 5.92 19.42
C SER B 207 -12.78 7.11 20.34
N ARG B 208 -13.01 8.26 19.71
CA ARG B 208 -13.35 9.46 20.46
C ARG B 208 -14.71 9.30 21.12
N THR B 209 -14.87 9.99 22.25
CA THR B 209 -16.12 9.90 23.01
C THR B 209 -17.32 10.35 22.19
N THR B 210 -17.13 11.33 21.30
CA THR B 210 -18.24 11.86 20.52
C THR B 210 -18.79 10.84 19.52
N ASN B 211 -18.01 9.83 19.15
CA ASN B 211 -18.44 8.86 18.15
C ASN B 211 -19.31 7.75 18.75
N PHE B 212 -19.31 7.60 20.07
CA PHE B 212 -19.95 6.43 20.67
C PHE B 212 -21.47 6.48 20.62
N ALA B 213 -22.06 7.66 20.36
CA ALA B 213 -23.50 7.71 20.16
C ALA B 213 -23.91 6.95 18.90
N GLY B 214 -23.13 7.09 17.83
CA GLY B 214 -23.38 6.35 16.60
C GLY B 214 -22.97 4.90 16.70
N ILE B 215 -21.85 4.62 17.37
CA ILE B 215 -21.39 3.25 17.51
C ILE B 215 -22.38 2.43 18.34
N LEU B 216 -22.97 3.04 19.35
CA LEU B 216 -23.91 2.33 20.21
C LEU B 216 -25.32 2.27 19.64
N SER B 217 -25.65 3.16 18.71
CA SER B 217 -26.98 3.17 18.08
C SER B 217 -26.99 2.54 16.70
N GLN B 218 -25.92 2.72 15.92
CA GLN B 218 -25.84 2.20 14.57
C GLN B 218 -24.82 1.07 14.42
N GLY B 219 -23.95 0.86 15.40
CA GLY B 219 -22.94 -0.17 15.32
C GLY B 219 -21.70 0.30 14.58
N LEU B 220 -20.62 -0.48 14.75
CA LEU B 220 -19.39 -0.21 14.02
C LEU B 220 -19.62 -0.47 12.54
N ARG B 221 -19.45 0.57 11.72
CA ARG B 221 -19.74 0.51 10.30
C ARG B 221 -18.47 0.62 9.47
N ILE B 222 -18.63 0.39 8.17
CA ILE B 222 -17.56 0.53 7.20
C ILE B 222 -17.75 1.85 6.47
N ALA B 223 -16.63 2.53 6.17
CA ALA B 223 -16.68 3.83 5.52
C ALA B 223 -17.52 3.75 4.25
N PRO B 224 -18.25 4.81 3.91
CA PRO B 224 -19.13 4.76 2.72
C PRO B 224 -18.33 4.55 1.45
N PRO B 225 -18.99 4.16 0.36
CA PRO B 225 -18.26 3.94 -0.90
C PRO B 225 -17.53 5.19 -1.40
N GLU B 226 -18.00 6.38 -1.05
CA GLU B 226 -17.33 7.60 -1.50
C GLU B 226 -15.95 7.74 -0.88
N ALA B 227 -15.73 7.13 0.27
CA ALA B 227 -14.45 7.26 0.94
C ALA B 227 -13.35 6.58 0.12
N PRO B 228 -12.16 7.18 0.03
CA PRO B 228 -11.07 6.55 -0.73
C PRO B 228 -10.50 5.36 0.03
N VAL B 229 -10.30 4.25 -0.68
CA VAL B 229 -9.80 3.04 -0.04
C VAL B 229 -8.33 3.19 0.32
N THR B 230 -7.59 4.04 -0.40
CA THR B 230 -6.17 4.23 -0.09
C THR B 230 -5.94 5.01 1.20
N GLY B 231 -6.97 5.63 1.76
CA GLY B 231 -6.86 6.26 3.04
C GLY B 231 -6.87 5.32 4.23
N TYR B 232 -6.93 4.01 3.97
CA TYR B 232 -7.00 3.00 5.01
C TYR B 232 -6.01 1.90 4.68
N MET B 233 -5.17 1.54 5.65
CA MET B 233 -3.98 0.74 5.37
C MET B 233 -4.35 -0.67 4.89
N PHE B 234 -5.42 -1.25 5.43
CA PHE B 234 -5.90 -2.55 4.98
C PHE B 234 -7.29 -2.44 4.38
N GLY B 235 -7.56 -1.38 3.63
CA GLY B 235 -8.84 -1.20 2.99
C GLY B 235 -9.93 -0.76 3.94
N LYS B 236 -11.14 -0.70 3.40
CA LYS B 236 -12.30 -0.19 4.13
C LYS B 236 -12.95 -1.33 4.90
N GLY B 237 -12.58 -1.47 6.17
CA GLY B 237 -13.16 -2.48 7.04
C GLY B 237 -13.41 -1.97 8.44
N ILE B 238 -13.32 -2.83 9.44
CA ILE B 238 -13.43 -2.44 10.84
C ILE B 238 -12.17 -2.92 11.55
N TYR B 239 -11.40 -1.97 12.08
CA TYR B 239 -10.08 -2.25 12.63
C TYR B 239 -10.15 -2.50 14.12
N PHE B 240 -9.36 -3.49 14.58
CA PHE B 240 -9.30 -3.84 16.00
C PHE B 240 -7.82 -4.01 16.39
N ALA B 241 -7.60 -4.26 17.68
CA ALA B 241 -6.25 -4.43 18.20
C ALA B 241 -6.33 -5.27 19.48
N ASP B 242 -5.17 -5.76 19.90
CA ASP B 242 -5.05 -6.49 21.16
C ASP B 242 -4.19 -5.74 22.17
N MET B 243 -3.69 -4.55 21.83
CA MET B 243 -2.97 -3.70 22.75
C MET B 243 -3.85 -2.52 23.10
N VAL B 244 -4.23 -2.41 24.38
CA VAL B 244 -5.10 -1.32 24.81
C VAL B 244 -4.46 0.02 24.52
N SER B 245 -3.13 0.09 24.52
CA SER B 245 -2.45 1.36 24.23
C SER B 245 -2.63 1.76 22.78
N LYS B 246 -2.68 0.80 21.87
CA LYS B 246 -2.89 1.11 20.46
C LYS B 246 -4.28 1.69 20.23
N SER B 247 -5.30 1.07 20.82
CA SER B 247 -6.67 1.54 20.62
C SER B 247 -6.95 2.81 21.42
N ALA B 248 -6.44 2.91 22.64
CA ALA B 248 -6.65 4.11 23.44
C ALA B 248 -6.01 5.33 22.82
N ASN B 249 -4.99 5.16 21.97
CA ASN B 249 -4.43 6.29 21.26
C ASN B 249 -5.43 6.90 20.30
N TYR B 250 -6.33 6.08 19.76
CA TYR B 250 -7.39 6.56 18.88
C TYR B 250 -8.56 7.16 19.65
N CYS B 251 -8.53 7.13 20.99
CA CYS B 251 -9.50 7.90 21.77
C CYS B 251 -9.23 9.40 21.64
N HIS B 252 -8.02 9.79 21.29
CA HIS B 252 -7.62 11.19 21.14
C HIS B 252 -7.95 11.97 22.41
N THR B 253 -7.53 11.41 23.55
CA THR B 253 -7.80 12.03 24.84
C THR B 253 -6.82 13.16 25.10
N SER B 254 -7.36 14.33 25.43
CA SER B 254 -6.56 15.52 25.69
C SER B 254 -6.22 15.62 27.17
N GLN B 255 -5.34 16.57 27.49
CA GLN B 255 -5.00 16.84 28.89
C GLN B 255 -6.09 17.64 29.58
N GLY B 256 -6.85 18.45 28.82
CA GLY B 256 -8.00 19.13 29.38
C GLY B 256 -9.18 18.22 29.62
N ASP B 257 -9.17 17.03 29.03
CA ASP B 257 -10.20 16.01 29.28
C ASP B 257 -9.53 14.65 29.26
N PRO B 258 -9.10 14.15 30.42
CA PRO B 258 -8.28 12.94 30.45
C PRO B 258 -9.07 11.65 30.54
N ILE B 259 -10.32 11.66 30.10
CA ILE B 259 -11.19 10.50 30.17
C ILE B 259 -11.54 10.05 28.75
N GLY B 260 -11.51 8.74 28.51
CA GLY B 260 -11.83 8.20 27.21
C GLY B 260 -12.70 6.95 27.33
N LEU B 261 -13.23 6.53 26.19
CA LEU B 261 -14.10 5.37 26.10
C LEU B 261 -13.51 4.39 25.09
N ILE B 262 -13.42 3.12 25.48
CA ILE B 262 -12.86 2.08 24.63
C ILE B 262 -13.83 0.91 24.60
N LEU B 263 -13.85 0.20 23.48
CA LEU B 263 -14.78 -0.90 23.27
C LEU B 263 -14.06 -2.24 23.34
N LEU B 264 -14.71 -3.23 23.95
CA LEU B 264 -14.25 -4.60 23.97
C LEU B 264 -15.24 -5.43 23.17
N GLY B 265 -14.82 -5.87 21.99
CA GLY B 265 -15.71 -6.58 21.07
C GLY B 265 -15.18 -7.95 20.72
N GLU B 266 -16.09 -8.90 20.57
CA GLU B 266 -15.76 -10.24 20.07
C GLU B 266 -15.85 -10.23 18.56
N VAL B 267 -14.74 -10.50 17.89
CA VAL B 267 -14.63 -10.37 16.44
C VAL B 267 -14.45 -11.76 15.84
N ALA B 268 -15.36 -12.13 14.93
CA ALA B 268 -15.30 -13.42 14.26
C ALA B 268 -14.24 -13.34 13.16
N LEU B 269 -12.98 -13.59 13.55
CA LEU B 269 -11.87 -13.49 12.62
C LEU B 269 -11.87 -14.66 11.64
N GLY B 270 -11.59 -15.87 12.13
CA GLY B 270 -11.54 -17.03 11.27
C GLY B 270 -10.28 -17.10 10.44
N ASN B 271 -10.42 -17.42 9.15
CA ASN B 271 -9.28 -17.47 8.26
C ASN B 271 -8.76 -16.06 8.02
N MET B 272 -7.61 -15.74 8.62
CA MET B 272 -7.07 -14.39 8.61
C MET B 272 -5.98 -14.28 7.55
N TYR B 273 -6.16 -13.37 6.59
CA TYR B 273 -5.10 -13.01 5.66
C TYR B 273 -4.07 -12.17 6.42
N GLU B 274 -2.90 -12.75 6.66
CA GLU B 274 -1.85 -12.07 7.41
C GLU B 274 -1.01 -11.21 6.46
N LEU B 275 -0.72 -9.99 6.90
CA LEU B 275 0.01 -9.03 6.08
C LEU B 275 0.98 -8.24 6.95
N LYS B 276 2.04 -7.76 6.32
CA LYS B 276 3.06 -6.98 7.00
C LYS B 276 3.17 -5.55 6.49
N HIS B 277 2.53 -5.20 5.38
CA HIS B 277 2.56 -3.86 4.84
C HIS B 277 1.18 -3.51 4.30
N ALA B 278 1.03 -2.25 3.88
CA ALA B 278 -0.27 -1.74 3.48
C ALA B 278 -0.82 -2.52 2.29
N SER B 279 -2.15 -2.68 2.29
CA SER B 279 -2.83 -3.42 1.22
C SER B 279 -4.23 -2.81 1.09
N HIS B 280 -4.35 -1.77 0.27
CA HIS B 280 -5.61 -1.07 0.03
C HIS B 280 -6.51 -1.97 -0.81
N ILE B 281 -7.20 -2.88 -0.14
CA ILE B 281 -8.02 -3.89 -0.80
C ILE B 281 -9.49 -3.53 -0.66
N SER B 282 -10.29 -3.94 -1.65
CA SER B 282 -11.74 -3.76 -1.61
C SER B 282 -12.40 -4.98 -0.99
N LYS B 283 -12.36 -6.10 -1.69
CA LYS B 283 -12.88 -7.37 -1.19
C LYS B 283 -11.75 -8.15 -0.52
N LEU B 284 -12.03 -9.40 -0.15
CA LEU B 284 -11.05 -10.29 0.46
C LEU B 284 -10.96 -11.57 -0.37
N PRO B 285 -9.76 -12.15 -0.51
CA PRO B 285 -9.64 -13.39 -1.28
C PRO B 285 -10.55 -14.49 -0.72
N LYS B 286 -11.12 -15.28 -1.63
CA LYS B 286 -12.07 -16.31 -1.23
C LYS B 286 -11.42 -17.31 -0.29
N GLY B 287 -12.15 -17.65 0.78
CA GLY B 287 -11.63 -18.50 1.83
C GLY B 287 -11.11 -17.74 3.04
N LYS B 288 -10.78 -16.46 2.87
CA LYS B 288 -10.34 -15.62 3.98
C LYS B 288 -11.52 -14.83 4.53
N HIS B 289 -11.49 -14.59 5.84
CA HIS B 289 -12.58 -13.88 6.51
C HIS B 289 -12.13 -12.61 7.23
N SER B 290 -10.84 -12.37 7.36
CA SER B 290 -10.36 -11.18 8.06
C SER B 290 -8.91 -10.93 7.64
N VAL B 291 -8.30 -9.92 8.25
CA VAL B 291 -6.91 -9.55 7.96
C VAL B 291 -6.21 -9.24 9.27
N LYS B 292 -5.06 -9.85 9.50
CA LYS B 292 -4.24 -9.60 10.68
C LYS B 292 -2.91 -8.99 10.24
N GLY B 293 -2.70 -7.72 10.58
CA GLY B 293 -1.40 -7.11 10.37
C GLY B 293 -0.42 -7.60 11.41
N LEU B 294 0.74 -8.06 10.95
CA LEU B 294 1.74 -8.66 11.82
C LEU B 294 2.62 -7.56 12.41
N GLY B 295 2.45 -7.31 13.72
CA GLY B 295 3.30 -6.37 14.40
C GLY B 295 4.58 -7.02 14.90
N LYS B 296 5.47 -6.19 15.44
CA LYS B 296 6.75 -6.68 15.95
C LYS B 296 6.68 -7.11 17.41
N THR B 297 5.70 -6.65 18.17
CA THR B 297 5.63 -6.89 19.61
C THR B 297 4.29 -7.54 19.95
N THR B 298 4.09 -8.77 19.49
CA THR B 298 2.88 -9.52 19.79
C THR B 298 2.87 -9.92 21.28
N PRO B 299 1.71 -10.24 21.84
CA PRO B 299 1.66 -10.74 23.21
C PRO B 299 1.79 -12.26 23.25
N ASP B 300 1.98 -12.77 24.47
CA ASP B 300 2.15 -14.20 24.65
C ASP B 300 0.88 -14.94 24.26
N PRO B 301 0.95 -15.96 23.39
CA PRO B 301 -0.19 -16.85 23.22
C PRO B 301 -0.30 -17.89 24.32
N SER B 302 0.76 -18.10 25.10
CA SER B 302 0.70 -19.02 26.23
C SER B 302 -0.09 -18.44 27.38
N ALA B 303 -0.05 -17.11 27.55
CA ALA B 303 -0.80 -16.43 28.59
C ALA B 303 -2.19 -16.01 28.14
N ASN B 304 -2.76 -16.69 27.15
CA ASN B 304 -4.10 -16.40 26.66
C ASN B 304 -5.11 -17.25 27.42
N ILE B 305 -6.18 -16.61 27.88
CA ILE B 305 -7.24 -17.29 28.62
C ILE B 305 -8.56 -17.09 27.87
N SER B 306 -9.52 -17.96 28.18
CA SER B 306 -10.82 -17.93 27.54
C SER B 306 -11.80 -17.10 28.36
N LEU B 307 -12.93 -16.76 27.72
CA LEU B 307 -14.00 -16.02 28.36
C LEU B 307 -15.26 -16.12 27.51
N ASP B 308 -16.19 -17.00 27.90
CA ASP B 308 -17.37 -17.32 27.09
C ASP B 308 -16.97 -17.79 25.69
N GLY B 309 -15.93 -18.63 25.63
CA GLY B 309 -15.43 -19.13 24.37
C GLY B 309 -14.66 -18.14 23.54
N VAL B 310 -14.23 -17.02 24.12
CA VAL B 310 -13.51 -15.98 23.39
C VAL B 310 -12.14 -15.80 24.04
N ASP B 311 -11.10 -16.09 23.27
CA ASP B 311 -9.74 -15.98 23.80
C ASP B 311 -9.33 -14.53 23.92
N VAL B 312 -8.70 -14.19 25.05
CA VAL B 312 -8.28 -12.82 25.32
C VAL B 312 -6.76 -12.73 25.29
N PRO B 313 -6.16 -12.24 24.22
CA PRO B 313 -4.68 -12.11 24.18
C PRO B 313 -4.17 -11.07 25.16
N LEU B 314 -4.11 -11.43 26.44
CA LEU B 314 -3.71 -10.52 27.50
C LEU B 314 -2.26 -10.74 27.96
N GLY B 315 -1.41 -11.25 27.06
CA GLY B 315 -0.05 -11.54 27.44
C GLY B 315 0.86 -10.31 27.42
N THR B 316 1.99 -10.45 28.10
CA THR B 316 3.02 -9.42 28.12
C THR B 316 3.65 -9.29 26.73
N GLY B 317 4.26 -8.13 26.49
CA GLY B 317 4.88 -7.87 25.20
C GLY B 317 6.12 -8.71 24.93
N ILE B 318 6.01 -9.65 23.98
CA ILE B 318 7.16 -10.40 23.51
C ILE B 318 7.47 -9.97 22.08
N SER B 319 8.51 -10.54 21.49
CA SER B 319 8.86 -10.26 20.11
C SER B 319 8.14 -11.24 19.20
N SER B 320 7.30 -10.71 18.30
CA SER B 320 6.53 -11.56 17.41
C SER B 320 7.42 -12.37 16.47
N GLY B 321 8.65 -11.93 16.23
CA GLY B 321 9.54 -12.63 15.34
C GLY B 321 9.54 -12.06 13.94
N VAL B 322 8.36 -11.64 13.47
CA VAL B 322 8.23 -11.03 12.16
C VAL B 322 9.02 -9.73 12.13
N ASN B 323 10.10 -9.71 11.35
CA ASN B 323 10.94 -8.52 11.22
C ASN B 323 10.71 -7.78 9.91
N ASP B 324 10.27 -8.48 8.86
CA ASP B 324 9.90 -7.84 7.60
C ASP B 324 8.48 -7.30 7.74
N THR B 325 8.37 -6.18 8.47
CA THR B 325 7.07 -5.58 8.73
C THR B 325 7.26 -4.13 9.12
N SER B 326 6.21 -3.34 8.92
CA SER B 326 6.18 -1.94 9.31
C SER B 326 5.30 -1.67 10.51
N LEU B 327 4.55 -2.66 10.98
CA LEU B 327 3.63 -2.50 12.11
C LEU B 327 4.36 -2.78 13.42
N LEU B 328 4.30 -1.82 14.35
CA LEU B 328 4.81 -2.07 15.69
C LEU B 328 3.97 -3.11 16.41
N TYR B 329 2.65 -2.97 16.33
CA TYR B 329 1.71 -3.84 17.03
C TYR B 329 0.62 -4.28 16.06
N ASN B 330 0.00 -5.40 16.37
CA ASN B 330 -0.88 -6.08 15.43
C ASN B 330 -2.15 -5.26 15.17
N GLU B 331 -2.89 -5.69 14.14
CA GLU B 331 -4.17 -5.12 13.78
C GLU B 331 -5.08 -6.26 13.30
N TYR B 332 -6.38 -6.08 13.48
CA TYR B 332 -7.37 -7.04 13.02
C TYR B 332 -8.49 -6.28 12.31
N ILE B 333 -8.80 -6.71 11.08
CA ILE B 333 -9.77 -6.03 10.23
C ILE B 333 -10.74 -7.05 9.67
N VAL B 334 -12.04 -6.74 9.71
CA VAL B 334 -13.06 -7.50 9.02
C VAL B 334 -13.81 -6.56 8.10
N TYR B 335 -14.49 -7.14 7.11
CA TYR B 335 -15.12 -6.37 6.05
C TYR B 335 -16.61 -6.61 5.93
N ASP B 336 -17.20 -7.40 6.83
CA ASP B 336 -18.65 -7.48 7.00
C ASP B 336 -18.96 -6.98 8.41
N ILE B 337 -19.89 -6.03 8.50
CA ILE B 337 -20.27 -5.46 9.79
C ILE B 337 -20.93 -6.46 10.72
N ALA B 338 -21.28 -7.64 10.22
CA ALA B 338 -21.91 -8.66 11.04
C ALA B 338 -20.90 -9.53 11.80
N GLN B 339 -19.63 -9.48 11.42
CA GLN B 339 -18.59 -10.25 12.11
C GLN B 339 -18.23 -9.67 13.47
N VAL B 340 -18.94 -8.66 13.96
CA VAL B 340 -18.62 -7.99 15.20
C VAL B 340 -19.79 -8.16 16.17
N ASN B 341 -19.48 -8.58 17.39
CA ASN B 341 -20.43 -8.62 18.49
C ASN B 341 -19.87 -7.80 19.64
N LEU B 342 -20.43 -6.62 19.86
CA LEU B 342 -19.93 -5.72 20.91
C LEU B 342 -20.36 -6.25 22.27
N LYS B 343 -19.39 -6.33 23.19
CA LYS B 343 -19.60 -6.94 24.50
C LYS B 343 -19.51 -5.92 25.63
N TYR B 344 -18.37 -5.25 25.78
CA TYR B 344 -18.14 -4.35 26.90
C TYR B 344 -17.76 -2.95 26.39
N LEU B 345 -17.90 -1.98 27.30
CA LEU B 345 -17.52 -0.60 27.04
C LEU B 345 -16.84 -0.06 28.30
N LEU B 346 -15.58 0.32 28.18
CA LEU B 346 -14.78 0.74 29.33
C LEU B 346 -14.62 2.25 29.36
N LYS B 347 -14.65 2.81 30.57
CA LYS B 347 -14.38 4.22 30.80
C LYS B 347 -13.01 4.32 31.47
N LEU B 348 -12.02 4.81 30.72
CA LEU B 348 -10.66 4.88 31.19
C LEU B 348 -10.26 6.33 31.48
N LYS B 349 -9.40 6.50 32.47
CA LYS B 349 -8.80 7.78 32.79
C LYS B 349 -7.34 7.77 32.31
N PHE B 350 -6.93 8.86 31.66
CA PHE B 350 -5.59 8.98 31.08
C PHE B 350 -4.80 9.97 31.92
N ASN B 351 -3.92 9.45 32.75
CA ASN B 351 -3.07 10.32 33.61
C ASN B 351 -1.77 10.56 32.86
N PHE B 352 -1.70 11.66 32.13
CA PHE B 352 -0.51 11.93 31.30
C PHE B 352 0.68 12.27 32.21
N LYS B 353 1.92 12.12 31.72
CA LYS B 353 3.17 12.34 32.50
C LYS B 353 3.72 10.97 32.90
N THR B 354 3.31 9.92 32.19
CA THR B 354 3.83 8.54 32.45
C THR B 354 3.89 8.26 33.96
#